data_4X1Z
#
_entry.id   4X1Z
#
_cell.length_a   76.170
_cell.length_b   76.210
_cell.length_c   107.680
_cell.angle_alpha   90.000
_cell.angle_beta   90.000
_cell.angle_gamma   90.000
#
_symmetry.space_group_name_H-M   'P 21 21 21'
#
loop_
_entity.id
_entity.type
_entity.pdbx_description
1 polymer VP1
2 branched alpha-L-fucopyranose-(1-2)-beta-D-galactopyranose-(1-4)-2-acetamido-2-deoxy-alpha-D-glucopyranose
3 non-polymer 'SODIUM ION'
4 water water
#
_entity_poly.entity_id   1
_entity_poly.type   'polypeptide(L)'
_entity_poly.pdbx_seq_one_letter_code
;SPADLLTTPVLTGVGTDNRWNGEIVGLQPVPGGFSTCNRHWNLNGSTFGWSSPRFAAIDHDRGNASYPGSSSSNVLELWY
ASAGSAADNPISQIAPDGFPDMSFVPFSGTTVPTAGWVGFGGIWNSSNGAPFVTTVQAYELGFATGAPSNPQPTTTTSGA
QIVAKSIYGVATGINQATAGLFVMASGVISTPNSSAITYTPQPNRIVNAPGTPAAAPIGKNTPIMFASVVRRTGDINAEA
GSTNGTQYGAGSQPLPVTVGLSLNNYSSALMPGQFFVWQLNFASGFMELGLSVDGYFYAGTGASATLIDLSELVDIRPVG
PRPSTSTLVYNL
;
_entity_poly.pdbx_strand_id   A,B
#
loop_
_chem_comp.id
_chem_comp.type
_chem_comp.name
_chem_comp.formula
FUC L-saccharide, alpha linking alpha-L-fucopyranose 'C6 H12 O5'
GAL D-saccharide, beta linking beta-D-galactopyranose 'C6 H12 O6'
NA non-polymer 'SODIUM ION' 'Na 1'
NDG D-saccharide, alpha linking 2-acetamido-2-deoxy-alpha-D-glucopyranose 'C8 H15 N O6'
#
# COMPACT_ATOMS: atom_id res chain seq x y z
N SER A 1 24.60 4.35 -14.79
CA SER A 1 23.66 5.02 -15.67
C SER A 1 22.26 5.09 -15.07
N PRO A 2 21.62 6.26 -15.14
CA PRO A 2 20.21 6.39 -14.74
C PRO A 2 19.25 5.59 -15.61
N ALA A 3 19.71 5.03 -16.73
CA ALA A 3 18.78 4.51 -17.75
C ALA A 3 17.73 3.56 -17.17
N ASP A 4 18.16 2.63 -16.31
CA ASP A 4 17.23 1.62 -15.81
C ASP A 4 16.33 2.12 -14.68
N LEU A 5 16.43 3.39 -14.31
CA LEU A 5 15.50 3.97 -13.33
C LEU A 5 14.08 4.02 -13.89
N LEU A 6 13.99 4.32 -15.17
CA LEU A 6 12.70 4.47 -15.83
C LEU A 6 12.63 3.48 -16.97
N THR A 7 11.91 2.39 -16.73
CA THR A 7 11.72 1.37 -17.75
C THR A 7 10.24 1.18 -18.00
N THR A 8 9.92 0.46 -19.07
CA THR A 8 8.56 0.31 -19.54
C THR A 8 7.48 0.06 -18.46
N PRO A 9 7.67 -0.92 -17.55
CA PRO A 9 6.59 -1.17 -16.57
C PRO A 9 6.27 0.02 -15.67
N VAL A 10 7.24 0.92 -15.49
CA VAL A 10 7.06 2.00 -14.54
C VAL A 10 5.87 2.89 -14.91
N LEU A 11 5.63 3.08 -16.21
CA LEU A 11 4.58 3.99 -16.67
C LEU A 11 3.50 3.30 -17.49
N THR A 12 3.55 1.96 -17.58
CA THR A 12 2.56 1.23 -18.38
C THR A 12 1.66 0.33 -17.54
N GLY A 13 1.64 0.56 -16.23
CA GLY A 13 0.67 -0.10 -15.37
C GLY A 13 1.22 -0.65 -14.06
N VAL A 14 2.52 -0.82 -13.95
CA VAL A 14 3.10 -1.39 -12.73
C VAL A 14 3.51 -0.28 -11.75
N GLY A 15 4.22 0.73 -12.23
CA GLY A 15 4.70 1.77 -11.36
C GLY A 15 3.58 2.58 -10.73
N THR A 16 3.76 2.93 -9.46
CA THR A 16 2.85 3.79 -8.73
C THR A 16 3.52 5.13 -8.45
N ASP A 17 2.72 6.14 -8.10
CA ASP A 17 3.27 7.46 -7.80
C ASP A 17 3.76 7.54 -6.35
N ASN A 18 4.72 8.43 -6.12
CA ASN A 18 5.37 8.54 -4.81
C ASN A 18 4.62 9.35 -3.75
N ARG A 19 3.37 9.76 -4.03
CA ARG A 19 2.56 10.43 -3.00
C ARG A 19 1.36 9.59 -2.55
N TRP A 20 0.65 9.01 -3.52
CA TRP A 20 -0.60 8.30 -3.28
C TRP A 20 -0.48 6.78 -3.46
N ASN A 21 0.63 6.32 -4.01
CA ASN A 21 0.82 4.90 -4.30
C ASN A 21 -0.26 4.36 -5.24
N GLY A 22 -0.71 5.20 -6.17
CA GLY A 22 -1.66 4.79 -7.19
C GLY A 22 -0.98 4.41 -8.49
N GLU A 23 -1.57 3.50 -9.23
CA GLU A 23 -1.03 3.12 -10.52
C GLU A 23 -0.95 4.34 -11.45
N ILE A 24 0.24 4.65 -11.96
CA ILE A 24 0.38 5.83 -12.81
C ILE A 24 -0.30 5.59 -14.14
N VAL A 25 -1.22 6.48 -14.51
CA VAL A 25 -1.96 6.37 -15.76
C VAL A 25 -1.92 7.65 -16.58
N GLY A 26 -1.34 8.72 -16.05
CA GLY A 26 -1.20 9.96 -16.79
C GLY A 26 -0.02 10.79 -16.35
N LEU A 27 0.36 11.75 -17.19
CA LEU A 27 1.36 12.75 -16.88
C LEU A 27 0.66 14.09 -16.77
N GLN A 28 0.85 14.77 -15.64
CA GLN A 28 0.21 16.04 -15.37
C GLN A 28 1.21 17.20 -15.44
N PRO A 29 1.17 17.99 -16.54
CA PRO A 29 2.11 19.12 -16.60
C PRO A 29 1.76 20.21 -15.59
N VAL A 30 2.79 20.92 -15.14
CA VAL A 30 2.64 21.97 -14.14
C VAL A 30 3.34 23.24 -14.66
N PRO A 31 2.66 23.96 -15.57
CA PRO A 31 3.29 25.14 -16.17
C PRO A 31 3.71 26.22 -15.18
N GLY A 32 3.06 26.29 -14.02
CA GLY A 32 3.42 27.26 -12.99
C GLY A 32 4.55 26.83 -12.09
N GLY A 33 5.04 25.62 -12.25
CA GLY A 33 6.10 25.10 -11.42
C GLY A 33 5.59 24.55 -10.10
N PHE A 34 6.44 23.80 -9.42
CA PHE A 34 6.13 23.27 -8.10
C PHE A 34 7.41 22.83 -7.40
N SER A 35 7.29 22.54 -6.11
CA SER A 35 8.36 21.91 -5.34
C SER A 35 7.82 20.67 -4.65
N THR A 36 8.67 19.67 -4.48
CA THR A 36 8.30 18.51 -3.67
C THR A 36 9.58 17.94 -3.08
N CYS A 37 9.50 17.52 -1.81
CA CYS A 37 10.64 16.87 -1.16
C CYS A 37 10.29 15.53 -0.53
N ASN A 38 9.05 15.35 -0.07
CA ASN A 38 8.75 14.12 0.68
C ASN A 38 8.64 12.91 -0.23
N ARG A 39 9.39 11.86 0.11
CA ARG A 39 9.48 10.65 -0.70
C ARG A 39 9.96 10.99 -2.13
N HIS A 40 10.82 11.99 -2.21
CA HIS A 40 11.43 12.46 -3.45
C HIS A 40 12.94 12.48 -3.26
N TRP A 41 13.67 11.85 -4.17
CA TRP A 41 15.13 11.81 -4.13
C TRP A 41 15.74 12.54 -5.31
N ASN A 42 16.96 13.03 -5.11
CA ASN A 42 17.71 13.64 -6.21
C ASN A 42 18.76 12.66 -6.73
N LEU A 43 19.59 13.10 -7.66
CA LEU A 43 20.57 12.21 -8.28
C LEU A 43 21.89 12.16 -7.49
N ASN A 44 21.92 12.78 -6.32
CA ASN A 44 23.06 12.71 -5.40
C ASN A 44 22.70 11.94 -4.13
N GLY A 45 21.78 11.00 -4.26
CA GLY A 45 21.43 10.08 -3.19
C GLY A 45 20.70 10.69 -2.01
N SER A 46 20.13 11.88 -2.17
CA SER A 46 19.58 12.58 -1.01
C SER A 46 18.14 13.01 -1.17
N THR A 47 17.46 13.09 -0.03
CA THR A 47 16.13 13.64 0.06
C THR A 47 16.11 14.80 1.05
N PHE A 48 15.27 15.79 0.76
CA PHE A 48 14.95 16.87 1.70
C PHE A 48 13.73 16.51 2.55
N GLY A 49 13.08 15.39 2.22
CA GLY A 49 11.88 14.98 2.91
C GLY A 49 12.13 14.09 4.11
N TRP A 50 11.05 13.46 4.59
CA TRP A 50 11.07 12.71 5.84
C TRP A 50 10.55 11.27 5.66
N SER A 51 10.44 10.82 4.42
CA SER A 51 9.80 9.53 4.14
C SER A 51 10.67 8.62 3.28
N SER A 52 10.64 7.34 3.63
CA SER A 52 11.30 6.31 2.86
C SER A 52 10.47 5.97 1.62
N PRO A 53 11.10 5.38 0.60
CA PRO A 53 10.40 5.10 -0.66
C PRO A 53 9.54 3.83 -0.60
N ARG A 54 8.53 3.90 0.24
CA ARG A 54 7.61 2.80 0.47
C ARG A 54 6.34 3.37 1.08
N PHE A 55 5.30 2.55 1.09
CA PHE A 55 4.02 2.89 1.72
C PHE A 55 3.67 1.82 2.72
N ALA A 56 3.79 2.17 3.99
CA ALA A 56 3.52 1.27 5.09
C ALA A 56 2.56 1.99 6.05
N ALA A 57 3.04 2.45 7.21
CA ALA A 57 2.19 3.16 8.18
C ALA A 57 2.87 4.39 8.74
N ILE A 58 2.04 5.34 9.15
CA ILE A 58 2.46 6.57 9.79
C ILE A 58 2.29 6.39 11.30
N ASP A 59 3.35 6.59 12.07
CA ASP A 59 3.31 6.30 13.50
C ASP A 59 4.16 7.33 14.24
N HIS A 60 3.53 8.04 15.18
CA HIS A 60 4.25 8.94 16.07
CA HIS A 60 4.19 9.02 16.05
C HIS A 60 3.73 8.73 17.47
N ASP A 61 4.65 8.62 18.43
CA ASP A 61 4.27 8.15 19.77
C ASP A 61 4.01 9.25 20.80
N ARG A 62 4.06 10.52 20.39
CA ARG A 62 3.94 11.61 21.37
C ARG A 62 3.32 12.90 20.85
N GLY A 63 2.00 12.97 20.88
CA GLY A 63 1.28 14.16 20.50
C GLY A 63 0.14 14.42 21.47
N ASN A 64 -0.58 15.50 21.25
CA ASN A 64 -1.70 15.87 22.09
C ASN A 64 -2.98 15.44 21.41
N ALA A 65 -3.81 14.66 22.09
CA ALA A 65 -5.10 14.21 21.58
C ALA A 65 -6.22 14.91 22.34
N SER A 66 -7.21 15.41 21.61
CA SER A 66 -8.30 16.13 22.26
C SER A 66 -9.57 16.11 21.44
N TYR A 67 -10.67 16.46 22.09
CA TYR A 67 -11.92 16.76 21.39
C TYR A 67 -12.56 17.92 22.14
N PRO A 68 -13.47 18.66 21.49
CA PRO A 68 -14.09 19.81 22.16
C PRO A 68 -15.35 19.49 22.95
N GLY A 69 -15.50 20.11 24.12
CA GLY A 69 -16.75 20.06 24.86
C GLY A 69 -16.86 18.95 25.90
N SER A 70 -18.00 18.90 26.55
CA SER A 70 -18.21 17.98 27.68
C SER A 70 -18.88 16.66 27.28
N SER A 71 -19.28 16.56 26.01
CA SER A 71 -19.92 15.36 25.49
C SER A 71 -18.94 14.65 24.55
N SER A 72 -18.57 13.42 24.87
CA SER A 72 -17.50 12.74 24.13
C SER A 72 -17.98 11.91 22.95
N SER A 73 -19.28 11.74 22.77
CA SER A 73 -19.79 10.91 21.69
C SER A 73 -19.85 11.64 20.36
N ASN A 74 -19.37 10.98 19.30
CA ASN A 74 -19.52 11.48 17.95
C ASN A 74 -18.90 12.89 17.78
N VAL A 75 -17.62 12.97 18.14
CA VAL A 75 -16.88 14.23 18.12
C VAL A 75 -15.73 14.13 17.14
N LEU A 76 -15.23 15.28 16.71
CA LEU A 76 -14.05 15.33 15.86
C LEU A 76 -12.80 15.28 16.73
N GLU A 77 -12.03 14.20 16.58
CA GLU A 77 -10.83 14.01 17.36
C GLU A 77 -9.64 14.71 16.69
N LEU A 78 -8.91 15.48 17.48
CA LEU A 78 -7.73 16.22 17.02
C LEU A 78 -6.46 15.69 17.67
N TRP A 79 -5.45 15.44 16.85
CA TRP A 79 -4.12 15.08 17.31
C TRP A 79 -3.12 16.06 16.71
N TYR A 80 -2.19 16.57 17.51
CA TYR A 80 -1.13 17.39 16.93
C TYR A 80 0.17 17.28 17.70
N ALA A 81 1.25 17.58 16.98
CA ALA A 81 2.58 17.65 17.53
C ALA A 81 3.36 18.67 16.74
N SER A 82 4.54 19.03 17.21
CA SER A 82 5.39 19.96 16.47
CA SER A 82 5.39 19.97 16.47
C SER A 82 6.15 19.26 15.36
N ALA A 83 6.28 19.91 14.21
CA ALA A 83 7.24 19.45 13.22
C ALA A 83 8.61 19.53 13.88
N GLY A 84 9.46 18.56 13.59
CA GLY A 84 10.79 18.48 14.19
C GLY A 84 10.86 17.51 15.36
N SER A 85 9.73 16.93 15.72
CA SER A 85 9.64 16.09 16.92
C SER A 85 9.71 14.59 16.62
N ALA A 86 9.93 14.22 15.37
CA ALA A 86 9.96 12.80 15.01
C ALA A 86 11.35 12.22 15.26
N ALA A 87 11.71 12.15 16.53
CA ALA A 87 13.06 11.78 16.94
C ALA A 87 13.48 10.40 16.42
N ASP A 88 12.51 9.50 16.26
CA ASP A 88 12.80 8.12 15.90
C ASP A 88 12.89 7.90 14.38
N ASN A 89 12.80 8.97 13.61
CA ASN A 89 12.91 8.89 12.16
C ASN A 89 14.33 9.24 11.69
N PRO A 90 15.10 8.25 11.21
CA PRO A 90 16.49 8.56 10.86
C PRO A 90 16.65 9.37 9.58
N ILE A 91 15.61 9.45 8.75
CA ILE A 91 15.70 10.23 7.52
C ILE A 91 15.66 11.71 7.88
N SER A 92 14.72 12.07 8.74
CA SER A 92 14.50 13.45 9.14
C SER A 92 13.60 13.47 10.34
N GLN A 93 13.82 14.40 11.26
CA GLN A 93 12.95 14.51 12.42
C GLN A 93 11.78 15.46 12.15
N ILE A 94 11.63 15.94 10.92
CA ILE A 94 10.55 16.87 10.60
C ILE A 94 9.18 16.27 10.92
N ALA A 95 8.96 15.03 10.49
CA ALA A 95 7.66 14.40 10.64
C ALA A 95 7.84 12.89 10.58
N PRO A 96 6.84 12.14 11.07
CA PRO A 96 6.91 10.68 10.95
C PRO A 96 7.00 10.24 9.51
N ASP A 97 7.75 9.17 9.29
CA ASP A 97 7.90 8.58 7.96
C ASP A 97 6.52 8.28 7.38
N GLY A 98 6.23 8.86 6.21
CA GLY A 98 4.95 8.65 5.56
C GLY A 98 3.92 9.75 5.79
N PHE A 99 4.19 10.68 6.72
CA PHE A 99 3.25 11.76 6.96
C PHE A 99 3.12 12.57 5.67
N PRO A 100 1.90 12.89 5.22
CA PRO A 100 1.76 13.52 3.89
C PRO A 100 2.25 14.96 3.85
N ASP A 101 2.84 15.31 2.71
CA ASP A 101 3.36 16.66 2.48
C ASP A 101 2.31 17.66 1.99
N MET A 102 1.17 17.69 2.66
CA MET A 102 0.08 18.58 2.27
C MET A 102 -0.32 19.49 3.41
N SER A 103 -0.64 20.73 3.07
CA SER A 103 -1.06 21.69 4.07
C SER A 103 -2.46 21.35 4.55
N PHE A 104 -2.68 21.57 5.84
CA PHE A 104 -3.95 21.20 6.47
C PHE A 104 -5.09 22.07 5.94
N VAL A 105 -6.20 21.42 5.61
CA VAL A 105 -7.44 22.10 5.24
C VAL A 105 -8.36 22.11 6.46
N PRO A 106 -8.59 23.28 7.08
CA PRO A 106 -9.47 23.34 8.25
C PRO A 106 -10.91 22.96 7.94
N PHE A 107 -11.62 22.47 8.94
CA PHE A 107 -13.02 22.15 8.76
C PHE A 107 -13.70 22.14 10.11
N SER A 108 -15.00 22.43 10.07
CA SER A 108 -15.81 22.58 11.26
C SER A 108 -17.23 22.23 10.93
N GLY A 109 -18.09 22.32 11.94
CA GLY A 109 -19.51 22.08 11.73
C GLY A 109 -19.76 20.71 11.13
N THR A 110 -20.51 20.69 10.04
CA THR A 110 -20.90 19.47 9.36
C THR A 110 -20.10 19.31 8.07
N THR A 111 -19.10 20.18 7.91
CA THR A 111 -18.31 20.33 6.69
C THR A 111 -17.19 19.30 6.59
N VAL A 112 -17.21 18.46 5.56
CA VAL A 112 -16.05 17.62 5.22
C VAL A 112 -15.09 18.48 4.39
N PRO A 113 -13.79 18.51 4.74
CA PRO A 113 -12.86 19.35 3.98
C PRO A 113 -12.70 18.92 2.54
N THR A 114 -12.40 19.88 1.68
CA THR A 114 -12.08 19.59 0.28
C THR A 114 -10.57 19.47 0.09
N ALA A 115 -10.16 18.39 -0.55
CA ALA A 115 -8.78 18.18 -0.98
C ALA A 115 -7.82 17.92 0.16
N GLY A 116 -8.33 17.37 1.25
CA GLY A 116 -7.46 16.90 2.32
C GLY A 116 -6.88 15.54 2.01
N TRP A 117 -5.66 15.29 2.47
CA TRP A 117 -5.12 13.93 2.53
C TRP A 117 -5.80 13.23 3.68
N VAL A 118 -6.42 12.09 3.41
CA VAL A 118 -7.13 11.32 4.43
C VAL A 118 -6.57 9.91 4.51
N GLY A 119 -6.38 9.42 5.73
CA GLY A 119 -5.97 8.06 5.95
C GLY A 119 -6.77 7.48 7.10
N PHE A 120 -6.76 6.16 7.21
CA PHE A 120 -7.49 5.46 8.24
C PHE A 120 -6.58 5.04 9.38
N GLY A 121 -7.07 5.21 10.61
CA GLY A 121 -6.32 4.79 11.77
C GLY A 121 -6.94 5.41 12.99
N GLY A 122 -6.12 5.82 13.94
CA GLY A 122 -6.63 6.43 15.15
C GLY A 122 -5.55 6.74 16.15
N ILE A 123 -5.98 7.02 17.37
CA ILE A 123 -5.10 7.38 18.47
C ILE A 123 -4.73 6.11 19.21
N TRP A 124 -3.52 6.06 19.77
CA TRP A 124 -3.11 4.91 20.57
C TRP A 124 -2.42 5.35 21.87
N ASN A 125 -2.37 4.42 22.81
CA ASN A 125 -1.96 4.68 24.17
C ASN A 125 -0.45 4.63 24.29
N SER A 126 0.16 5.78 24.54
CA SER A 126 1.62 5.91 24.55
C SER A 126 2.29 5.01 25.58
N SER A 127 1.55 4.60 26.60
CA SER A 127 2.14 3.80 27.65
C SER A 127 2.27 2.32 27.28
N ASN A 128 1.53 1.85 26.28
CA ASN A 128 1.58 0.42 25.96
C ASN A 128 1.38 0.02 24.51
N GLY A 129 1.06 0.95 23.61
CA GLY A 129 0.93 0.63 22.21
C GLY A 129 -0.47 0.19 21.80
N ALA A 130 -1.39 0.10 22.74
CA ALA A 130 -2.73 -0.36 22.43
C ALA A 130 -3.56 0.77 21.83
N PRO A 131 -4.32 0.49 20.76
CA PRO A 131 -5.19 1.53 20.20
C PRO A 131 -6.27 1.98 21.15
N PHE A 132 -6.61 3.26 21.08
CA PHE A 132 -7.84 3.77 21.66
C PHE A 132 -8.94 3.43 20.65
N VAL A 133 -9.62 2.32 20.87
CA VAL A 133 -10.46 1.73 19.83
C VAL A 133 -11.66 2.61 19.47
N THR A 134 -12.06 3.51 20.36
CA THR A 134 -13.20 4.37 20.09
C THR A 134 -12.81 5.61 19.28
N THR A 135 -11.56 5.69 18.83
CA THR A 135 -11.09 6.82 18.05
C THR A 135 -10.76 6.43 16.60
N VAL A 136 -10.98 5.18 16.21
CA VAL A 136 -10.71 4.78 14.85
C VAL A 136 -11.63 5.54 13.89
N GLN A 137 -11.05 6.08 12.83
CA GLN A 137 -11.82 6.85 11.85
C GLN A 137 -10.94 7.15 10.65
N ALA A 138 -11.53 7.83 9.68
CA ALA A 138 -10.81 8.52 8.64
C ALA A 138 -10.35 9.88 9.18
N TYR A 139 -9.05 10.15 9.08
CA TYR A 139 -8.43 11.38 9.55
C TYR A 139 -7.81 12.18 8.43
N GLU A 140 -8.01 13.49 8.42
CA GLU A 140 -7.23 14.36 7.56
C GLU A 140 -5.90 14.64 8.24
N LEU A 141 -4.80 14.44 7.52
CA LEU A 141 -3.47 14.79 8.01
C LEU A 141 -2.90 15.93 7.18
N GLY A 142 -2.21 16.85 7.82
CA GLY A 142 -1.52 17.90 7.11
C GLY A 142 -0.67 18.74 8.04
N PHE A 143 0.08 19.66 7.44
CA PHE A 143 0.89 20.61 8.19
C PHE A 143 0.13 21.90 8.45
N ALA A 144 0.24 22.42 9.67
CA ALA A 144 -0.50 23.60 10.06
C ALA A 144 0.31 24.46 11.01
N THR A 145 -0.23 25.64 11.31
CA THR A 145 0.18 26.37 12.50
C THR A 145 -1.10 26.73 13.24
N GLY A 146 -0.97 27.01 14.53
CA GLY A 146 -2.09 27.52 15.31
C GLY A 146 -2.96 26.48 16.00
N ALA A 147 -2.57 25.20 15.92
CA ALA A 147 -3.26 24.17 16.67
C ALA A 147 -2.95 24.37 18.16
N PRO A 148 -3.91 24.05 19.06
CA PRO A 148 -5.17 23.37 18.76
C PRO A 148 -6.35 24.29 18.43
N SER A 149 -6.28 25.56 18.77
CA SER A 149 -7.48 26.39 18.69
C SER A 149 -7.87 26.75 17.25
N ASN A 150 -6.88 26.87 16.36
CA ASN A 150 -7.15 27.36 15.02
C ASN A 150 -6.09 26.92 14.03
N PRO A 151 -6.00 25.60 13.79
CA PRO A 151 -5.01 25.15 12.80
C PRO A 151 -5.28 25.74 11.43
N GLN A 152 -4.24 26.30 10.84
CA GLN A 152 -4.31 26.93 9.53
C GLN A 152 -3.19 26.36 8.67
N PRO A 153 -3.41 26.26 7.35
CA PRO A 153 -2.38 25.64 6.50
C PRO A 153 -1.03 26.35 6.53
N THR A 154 0.04 25.56 6.42
CA THR A 154 1.36 26.10 6.12
C THR A 154 2.01 25.19 5.10
N THR A 155 2.90 25.75 4.27
CA THR A 155 3.60 24.97 3.27
C THR A 155 5.11 24.93 3.52
N THR A 156 5.55 25.41 4.68
CA THR A 156 6.91 25.14 5.12
C THR A 156 6.89 24.33 6.41
N THR A 157 7.86 23.44 6.55
CA THR A 157 7.99 22.62 7.74
C THR A 157 8.55 23.40 8.91
N SER A 158 9.26 24.48 8.61
CA SER A 158 9.86 25.32 9.61
C SER A 158 8.80 26.01 10.45
N GLY A 159 8.80 25.78 11.76
CA GLY A 159 7.82 26.34 12.67
C GLY A 159 6.44 25.72 12.58
N ALA A 160 6.32 24.60 11.88
CA ALA A 160 5.02 23.97 11.64
C ALA A 160 4.62 23.00 12.72
N GLN A 161 3.35 22.62 12.67
CA GLN A 161 2.79 21.50 13.42
C GLN A 161 2.32 20.43 12.45
N ILE A 162 2.33 19.19 12.91
CA ILE A 162 1.71 18.10 12.18
C ILE A 162 0.39 17.81 12.89
N VAL A 163 -0.67 17.74 12.08
CA VAL A 163 -2.03 17.65 12.59
C VAL A 163 -2.77 16.49 11.95
N ALA A 164 -3.58 15.80 12.76
CA ALA A 164 -4.51 14.81 12.28
C ALA A 164 -5.85 15.13 12.89
N LYS A 165 -6.92 15.16 12.09
CA LYS A 165 -8.24 15.45 12.64
C LYS A 165 -9.25 14.55 11.97
N SER A 166 -10.08 13.85 12.75
CA SER A 166 -11.04 12.96 12.13
C SER A 166 -12.03 13.78 11.30
N ILE A 167 -12.33 13.31 10.09
CA ILE A 167 -13.23 14.06 9.23
C ILE A 167 -14.69 13.73 9.52
N TYR A 168 -14.90 12.63 10.24
CA TYR A 168 -16.20 12.21 10.73
C TYR A 168 -16.09 12.00 12.24
N GLY A 169 -17.22 11.97 12.93
CA GLY A 169 -17.20 11.78 14.36
C GLY A 169 -16.67 10.43 14.79
N VAL A 170 -15.77 10.42 15.77
CA VAL A 170 -15.34 9.17 16.38
C VAL A 170 -16.39 8.73 17.40
N ALA A 171 -16.40 7.44 17.71
CA ALA A 171 -17.40 6.91 18.64
C ALA A 171 -17.32 7.60 20.00
N THR A 172 -16.13 7.67 20.55
CA THR A 172 -15.90 8.34 21.84
C THR A 172 -14.55 9.03 21.79
N GLY A 173 -14.57 10.35 21.95
CA GLY A 173 -13.35 11.13 21.92
C GLY A 173 -12.46 10.82 23.10
N ILE A 174 -11.17 11.14 22.93
CA ILE A 174 -10.14 10.93 23.94
C ILE A 174 -9.36 12.23 24.15
N ASN A 175 -9.24 12.65 25.40
CA ASN A 175 -8.34 13.73 25.79
C ASN A 175 -7.11 13.14 26.47
N GLN A 176 -5.95 13.27 25.84
CA GLN A 176 -4.70 12.79 26.44
C GLN A 176 -3.58 13.75 26.08
N ALA A 177 -2.82 14.19 27.07
CA ALA A 177 -1.73 15.13 26.84
C ALA A 177 -0.61 14.48 26.03
N THR A 178 -0.45 13.18 26.20
CA THR A 178 0.52 12.41 25.43
C THR A 178 -0.16 11.17 24.86
N ALA A 179 -0.24 11.09 23.55
CA ALA A 179 -0.89 9.97 22.90
C ALA A 179 -0.28 9.78 21.51
N GLY A 180 -0.33 8.56 21.00
CA GLY A 180 0.20 8.25 19.70
C GLY A 180 -0.80 8.38 18.57
N LEU A 181 -0.28 8.53 17.37
CA LEU A 181 -1.05 8.50 16.14
C LEU A 181 -0.61 7.29 15.31
N PHE A 182 -1.57 6.56 14.75
CA PHE A 182 -1.30 5.48 13.80
C PHE A 182 -2.26 5.64 12.63
N VAL A 183 -1.73 5.81 11.42
CA VAL A 183 -2.54 5.95 10.22
C VAL A 183 -1.87 5.20 9.08
N MET A 184 -2.64 4.45 8.31
CA MET A 184 -2.05 3.75 7.16
C MET A 184 -1.59 4.77 6.10
N ALA A 185 -0.46 4.50 5.44
CA ALA A 185 0.22 5.54 4.65
C ALA A 185 -0.33 5.77 3.24
N SER A 186 -1.20 4.90 2.75
CA SER A 186 -1.82 5.08 1.44
C SER A 186 -3.16 5.79 1.60
N GLY A 187 -3.23 7.02 1.12
CA GLY A 187 -4.35 7.89 1.42
C GLY A 187 -5.45 7.91 0.37
N VAL A 188 -6.50 8.64 0.75
CA VAL A 188 -7.59 8.97 -0.14
C VAL A 188 -7.79 10.51 -0.04
N ILE A 189 -8.58 11.06 -0.95
CA ILE A 189 -8.79 12.51 -1.01
C ILE A 189 -10.15 12.87 -0.42
N SER A 190 -10.20 13.84 0.49
CA SER A 190 -11.49 14.22 1.04
C SER A 190 -12.27 15.09 0.06
N THR A 191 -13.56 14.77 -0.09
CA THR A 191 -14.47 15.59 -0.87
C THR A 191 -15.82 15.63 -0.14
N PRO A 192 -16.56 16.73 -0.28
CA PRO A 192 -17.80 16.93 0.47
C PRO A 192 -19.03 16.39 -0.21
N ASN A 193 -18.90 16.00 -1.47
CA ASN A 193 -20.02 15.47 -2.23
C ASN A 193 -19.45 14.49 -3.26
N SER A 194 -20.24 14.03 -4.20
CA SER A 194 -19.79 12.98 -5.11
C SER A 194 -18.86 13.44 -6.21
N SER A 195 -18.73 14.75 -6.40
CA SER A 195 -17.94 15.26 -7.52
C SER A 195 -16.44 15.10 -7.34
N ALA A 196 -15.77 14.72 -8.41
CA ALA A 196 -14.32 14.78 -8.44
C ALA A 196 -13.88 16.24 -8.42
N ILE A 197 -12.68 16.46 -7.90
CA ILE A 197 -12.10 17.79 -7.83
C ILE A 197 -10.83 17.80 -8.68
N THR A 198 -10.12 18.92 -8.69
CA THR A 198 -8.88 19.02 -9.48
C THR A 198 -7.83 18.05 -8.95
N TYR A 199 -6.78 17.85 -9.73
CA TYR A 199 -5.75 16.90 -9.30
C TYR A 199 -5.20 17.37 -7.97
N THR A 200 -4.90 16.41 -7.11
CA THR A 200 -4.57 16.72 -5.71
C THR A 200 -3.24 16.06 -5.35
N PRO A 201 -2.34 16.79 -4.68
CA PRO A 201 -2.41 18.19 -4.28
C PRO A 201 -2.03 19.17 -5.38
N GLN A 202 -2.72 20.30 -5.42
CA GLN A 202 -2.29 21.42 -6.21
C GLN A 202 -0.95 21.96 -5.69
N PRO A 203 -0.16 22.59 -6.56
CA PRO A 203 1.17 23.04 -6.13
C PRO A 203 1.17 23.88 -4.85
N ASN A 204 0.17 24.74 -4.67
CA ASN A 204 0.16 25.66 -3.53
C ASN A 204 -0.25 24.97 -2.21
N ARG A 205 -0.45 23.65 -2.24
CA ARG A 205 -0.72 22.85 -1.06
C ARG A 205 0.47 22.03 -0.59
N ILE A 206 1.53 21.95 -1.38
CA ILE A 206 2.62 21.03 -1.08
C ILE A 206 3.55 21.66 -0.03
N VAL A 207 3.86 20.87 0.98
CA VAL A 207 4.71 21.27 2.09
C VAL A 207 6.13 20.86 1.82
N ASN A 208 7.05 21.81 1.95
CA ASN A 208 8.45 21.53 1.66
C ASN A 208 9.36 21.98 2.78
N ALA A 209 10.41 21.21 2.99
CA ALA A 209 11.45 21.53 3.96
C ALA A 209 12.33 22.67 3.46
N PRO A 210 12.94 23.41 4.39
CA PRO A 210 13.94 24.40 3.98
C PRO A 210 14.99 23.77 3.06
N GLY A 211 15.37 24.50 2.02
CA GLY A 211 16.40 24.06 1.11
C GLY A 211 15.86 23.37 -0.14
N THR A 212 14.63 22.88 -0.08
CA THR A 212 14.06 22.14 -1.21
C THR A 212 14.15 22.96 -2.47
N PRO A 213 14.79 22.42 -3.52
CA PRO A 213 14.84 23.19 -4.78
C PRO A 213 13.51 23.11 -5.52
N ALA A 214 13.18 24.17 -6.24
CA ALA A 214 11.96 24.25 -7.00
C ALA A 214 12.14 23.75 -8.43
N ALA A 215 11.08 23.20 -8.98
CA ALA A 215 11.00 22.88 -10.40
C ALA A 215 10.29 24.00 -11.12
N ALA A 216 10.97 24.57 -12.11
CA ALA A 216 10.40 25.63 -12.94
C ALA A 216 10.61 25.28 -14.40
N PRO A 217 9.76 25.82 -15.28
CA PRO A 217 10.01 25.58 -16.70
C PRO A 217 11.38 26.08 -17.15
N ILE A 218 11.92 25.35 -18.13
CA ILE A 218 13.17 25.67 -18.79
C ILE A 218 12.83 25.70 -20.28
N GLY A 219 12.73 26.90 -20.85
CA GLY A 219 12.24 26.99 -22.22
C GLY A 219 10.86 26.37 -22.31
N LYS A 220 10.66 25.55 -23.33
CA LYS A 220 9.38 24.87 -23.53
C LYS A 220 9.23 23.61 -22.70
N ASN A 221 10.26 23.27 -21.92
CA ASN A 221 10.22 22.11 -21.04
C ASN A 221 9.61 22.48 -19.70
N THR A 222 8.54 21.77 -19.34
CA THR A 222 7.71 22.10 -18.19
C THR A 222 7.73 20.94 -17.21
N PRO A 223 7.87 21.23 -15.90
CA PRO A 223 7.85 20.12 -14.94
C PRO A 223 6.51 19.40 -14.92
N ILE A 224 6.56 18.10 -14.64
CA ILE A 224 5.36 17.29 -14.58
C ILE A 224 5.26 16.56 -13.26
N MET A 225 4.02 16.18 -12.93
CA MET A 225 3.75 15.18 -11.92
C MET A 225 3.17 13.93 -12.58
N PHE A 226 3.13 12.85 -11.82
CA PHE A 226 2.65 11.56 -12.27
C PHE A 226 1.32 11.29 -11.63
N ALA A 227 0.30 11.10 -12.46
CA ALA A 227 -1.08 11.04 -12.02
C ALA A 227 -1.59 9.60 -11.91
N SER A 228 -2.34 9.35 -10.85
CA SER A 228 -3.01 8.08 -10.62
C SER A 228 -4.45 8.34 -10.20
N VAL A 229 -5.31 7.34 -10.35
CA VAL A 229 -6.68 7.45 -9.89
C VAL A 229 -6.71 7.16 -8.40
N VAL A 230 -7.29 8.09 -7.65
CA VAL A 230 -7.27 8.03 -6.19
C VAL A 230 -8.71 8.06 -5.67
N ARG A 231 -8.98 7.29 -4.62
CA ARG A 231 -10.31 7.26 -4.02
C ARG A 231 -10.63 8.61 -3.40
N ARG A 232 -11.92 8.93 -3.32
CA ARG A 232 -12.35 10.16 -2.67
C ARG A 232 -13.50 9.86 -1.72
N THR A 233 -13.55 10.60 -0.61
CA THR A 233 -14.46 10.22 0.47
C THR A 233 -15.93 10.46 0.13
N GLY A 234 -16.23 11.43 -0.73
CA GLY A 234 -17.62 11.76 -1.04
C GLY A 234 -18.32 10.73 -1.92
N ASP A 235 -17.53 9.95 -2.65
CA ASP A 235 -18.05 8.82 -3.42
C ASP A 235 -16.93 7.81 -3.42
N ILE A 236 -16.91 6.99 -2.36
CA ILE A 236 -15.77 6.13 -2.10
C ILE A 236 -15.74 4.96 -3.09
N ASN A 237 -16.86 4.70 -3.75
CA ASN A 237 -16.94 3.67 -4.77
C ASN A 237 -16.39 4.09 -6.12
N ALA A 238 -16.28 5.40 -6.37
CA ALA A 238 -15.85 5.89 -7.67
C ALA A 238 -14.45 5.40 -8.02
N GLU A 239 -14.31 4.95 -9.26
CA GLU A 239 -13.05 4.49 -9.82
C GLU A 239 -12.85 5.22 -11.14
N ALA A 240 -11.88 4.81 -11.93
CA ALA A 240 -11.69 5.43 -13.25
C ALA A 240 -12.96 5.34 -14.08
N GLY A 241 -13.35 6.45 -14.70
CA GLY A 241 -14.50 6.49 -15.59
C GLY A 241 -15.85 6.71 -14.91
N SER A 242 -15.85 6.92 -13.60
CA SER A 242 -17.09 7.22 -12.88
C SER A 242 -17.85 8.36 -13.52
N THR A 243 -19.18 8.23 -13.59
CA THR A 243 -19.99 9.29 -14.16
C THR A 243 -20.04 10.52 -13.24
N ASN A 244 -19.55 10.36 -12.01
CA ASN A 244 -19.41 11.49 -11.09
C ASN A 244 -18.06 12.18 -11.23
N GLY A 245 -17.27 11.72 -12.20
CA GLY A 245 -15.95 12.28 -12.45
C GLY A 245 -14.85 11.35 -11.99
N THR A 246 -13.72 11.40 -12.67
CA THR A 246 -12.54 10.63 -12.29
C THR A 246 -11.62 11.51 -11.47
N GLN A 247 -11.21 11.00 -10.31
CA GLN A 247 -10.34 11.74 -9.41
C GLN A 247 -8.89 11.34 -9.58
N TYR A 248 -8.03 12.33 -9.82
CA TYR A 248 -6.59 12.09 -9.87
C TYR A 248 -5.88 12.64 -8.65
N GLY A 249 -4.93 11.85 -8.18
CA GLY A 249 -3.86 12.33 -7.32
C GLY A 249 -2.59 12.37 -8.13
N ALA A 250 -1.62 13.13 -7.68
CA ALA A 250 -0.35 13.20 -8.39
C ALA A 250 0.81 13.21 -7.42
N GLY A 251 1.95 12.71 -7.92
CA GLY A 251 3.21 12.69 -7.21
C GLY A 251 4.35 13.19 -8.08
N SER A 252 5.43 13.64 -7.46
CA SER A 252 6.56 14.19 -8.20
C SER A 252 7.38 13.15 -8.95
N GLN A 253 7.33 11.89 -8.52
CA GLN A 253 8.14 10.83 -9.13
C GLN A 253 7.37 9.54 -9.17
N PRO A 254 7.68 8.69 -10.15
CA PRO A 254 7.26 7.29 -10.03
C PRO A 254 8.03 6.68 -8.88
N LEU A 255 7.34 5.97 -8.00
CA LEU A 255 8.01 5.34 -6.87
C LEU A 255 9.20 4.45 -7.27
N PRO A 256 9.12 3.71 -8.40
CA PRO A 256 10.30 2.90 -8.75
C PRO A 256 11.55 3.76 -9.01
N VAL A 257 11.37 4.98 -9.53
CA VAL A 257 12.49 5.89 -9.72
C VAL A 257 13.02 6.35 -8.37
N THR A 258 12.14 6.76 -7.48
CA THR A 258 12.53 7.17 -6.14
C THR A 258 13.35 6.07 -5.47
N VAL A 259 12.85 4.84 -5.54
CA VAL A 259 13.57 3.71 -4.95
C VAL A 259 15.00 3.63 -5.51
N GLY A 260 15.12 3.66 -6.83
CA GLY A 260 16.44 3.53 -7.43
C GLY A 260 17.38 4.66 -7.03
N LEU A 261 16.84 5.88 -7.00
CA LEU A 261 17.64 7.04 -6.60
C LEU A 261 18.08 6.96 -5.15
N SER A 262 17.30 6.26 -4.32
CA SER A 262 17.63 6.13 -2.89
C SER A 262 18.66 5.04 -2.64
N LEU A 263 18.91 4.19 -3.62
CA LEU A 263 19.82 3.05 -3.46
C LEU A 263 21.22 3.25 -4.02
N ASN A 264 21.35 4.16 -4.97
CA ASN A 264 22.67 4.44 -5.53
C ASN A 264 22.82 5.93 -5.79
N ASN A 265 24.06 6.39 -5.89
CA ASN A 265 24.35 7.77 -6.15
C ASN A 265 24.63 8.00 -7.64
N TYR A 266 23.89 8.90 -8.26
CA TYR A 266 23.97 9.13 -9.71
C TYR A 266 24.59 10.47 -10.04
N SER A 267 25.45 10.99 -9.16
CA SER A 267 25.85 12.39 -9.27
C SER A 267 26.84 12.60 -10.41
N SER A 268 27.41 11.52 -10.95
CA SER A 268 28.31 11.67 -12.09
C SER A 268 27.55 11.54 -13.41
N ALA A 269 26.26 11.25 -13.36
CA ALA A 269 25.48 10.99 -14.56
C ALA A 269 25.25 12.22 -15.44
N LEU A 270 25.00 13.36 -14.81
CA LEU A 270 24.66 14.59 -15.52
C LEU A 270 25.60 15.72 -15.19
N MET A 271 25.93 16.51 -16.21
CA MET A 271 26.69 17.74 -16.03
C MET A 271 25.69 18.86 -15.80
N PRO A 272 26.15 20.00 -15.26
CA PRO A 272 25.25 21.12 -15.01
C PRO A 272 24.43 21.49 -16.25
N GLY A 273 23.12 21.61 -16.06
CA GLY A 273 22.23 22.01 -17.11
C GLY A 273 21.76 20.88 -18.01
N GLN A 274 22.04 19.64 -17.65
CA GLN A 274 21.55 18.50 -18.41
C GLN A 274 20.33 17.83 -17.79
N PHE A 275 19.51 17.24 -18.65
CA PHE A 275 18.50 16.25 -18.27
C PHE A 275 19.03 14.87 -18.65
N PHE A 276 18.61 13.82 -17.92
CA PHE A 276 18.69 12.48 -18.48
C PHE A 276 17.38 12.25 -19.21
N VAL A 277 17.45 11.92 -20.48
CA VAL A 277 16.27 11.82 -21.32
C VAL A 277 15.92 10.37 -21.65
N TRP A 278 14.61 10.09 -21.58
CA TRP A 278 14.02 8.85 -22.07
C TRP A 278 12.98 9.18 -23.13
N GLN A 279 12.83 8.24 -24.05
CA GLN A 279 11.81 8.31 -25.06
C GLN A 279 10.64 7.38 -24.71
N LEU A 280 9.44 7.94 -24.73
CA LEU A 280 8.20 7.24 -24.49
C LEU A 280 7.54 6.96 -25.83
N ASN A 281 7.46 5.69 -26.19
CA ASN A 281 6.97 5.24 -27.47
C ASN A 281 5.53 4.77 -27.38
N PHE A 282 4.64 5.50 -28.03
CA PHE A 282 3.23 5.17 -27.99
C PHE A 282 2.88 4.31 -29.21
N ALA A 283 1.64 3.85 -29.27
CA ALA A 283 1.20 3.03 -30.37
C ALA A 283 1.45 3.77 -31.69
N SER A 284 1.26 5.08 -31.65
CA SER A 284 1.66 5.95 -32.74
C SER A 284 2.24 7.20 -32.09
N GLY A 285 3.39 7.63 -32.56
CA GLY A 285 4.00 8.83 -32.03
C GLY A 285 4.79 8.61 -30.75
N PHE A 286 5.49 9.66 -30.34
CA PHE A 286 6.39 9.55 -29.20
C PHE A 286 6.60 10.89 -28.55
N MET A 287 7.11 10.85 -27.33
CA MET A 287 7.51 12.05 -26.62
C MET A 287 8.73 11.72 -25.76
N GLU A 288 9.41 12.76 -25.30
CA GLU A 288 10.54 12.61 -24.40
C GLU A 288 10.22 13.14 -23.01
N LEU A 289 10.77 12.45 -22.01
CA LEU A 289 10.82 12.97 -20.64
C LEU A 289 12.26 13.21 -20.26
N GLY A 290 12.50 14.30 -19.53
CA GLY A 290 13.81 14.62 -19.01
C GLY A 290 13.80 14.66 -17.50
N LEU A 291 14.85 14.11 -16.90
CA LEU A 291 15.04 14.11 -15.45
C LEU A 291 16.18 15.04 -15.10
N SER A 292 15.94 15.99 -14.19
CA SER A 292 16.98 16.91 -13.75
C SER A 292 17.77 16.37 -12.58
N VAL A 293 18.89 17.02 -12.27
CA VAL A 293 19.73 16.61 -11.15
C VAL A 293 18.96 16.64 -9.82
N ASP A 294 17.95 17.50 -9.72
CA ASP A 294 17.16 17.61 -8.52
C ASP A 294 16.03 16.58 -8.45
N GLY A 295 15.93 15.71 -9.46
CA GLY A 295 14.98 14.61 -9.42
C GLY A 295 13.62 14.93 -10.02
N TYR A 296 13.47 16.09 -10.65
CA TYR A 296 12.20 16.43 -11.26
C TYR A 296 12.14 16.01 -12.72
N PHE A 297 10.96 15.60 -13.16
CA PHE A 297 10.73 15.25 -14.55
C PHE A 297 10.07 16.41 -15.30
N TYR A 298 10.40 16.47 -16.59
CA TYR A 298 9.96 17.52 -17.51
C TYR A 298 9.44 16.90 -18.81
N ALA A 299 8.50 17.60 -19.45
CA ALA A 299 8.03 17.28 -20.78
C ALA A 299 8.05 18.55 -21.63
N GLY A 300 8.09 18.41 -22.94
CA GLY A 300 8.19 19.56 -23.84
C GLY A 300 6.84 20.17 -24.18
N THR A 301 6.01 20.36 -23.18
CA THR A 301 4.60 20.70 -23.39
C THR A 301 4.28 22.20 -23.16
N GLY A 302 5.27 23.00 -22.80
CA GLY A 302 5.04 24.44 -22.74
C GLY A 302 3.97 24.82 -21.73
N ALA A 303 3.00 25.63 -22.16
CA ALA A 303 1.98 26.13 -21.26
C ALA A 303 0.80 25.17 -21.05
N SER A 304 0.79 24.03 -21.73
CA SER A 304 -0.36 23.14 -21.64
C SER A 304 -0.54 22.57 -20.23
N ALA A 305 -1.77 22.62 -19.73
CA ALA A 305 -2.10 22.05 -18.44
C ALA A 305 -2.78 20.69 -18.55
N THR A 306 -3.00 20.22 -19.77
CA THR A 306 -3.82 19.05 -20.00
C THR A 306 -3.13 17.76 -19.60
N LEU A 307 -3.85 16.92 -18.86
CA LEU A 307 -3.38 15.59 -18.51
C LEU A 307 -3.06 14.80 -19.77
N ILE A 308 -1.91 14.15 -19.79
CA ILE A 308 -1.48 13.30 -20.90
C ILE A 308 -1.76 11.85 -20.54
N ASP A 309 -2.60 11.21 -21.33
CA ASP A 309 -3.02 9.83 -21.11
C ASP A 309 -1.91 8.85 -21.46
N LEU A 310 -1.61 7.90 -20.56
CA LEU A 310 -0.56 6.92 -20.84
C LEU A 310 -1.11 5.56 -21.29
N SER A 311 -2.41 5.48 -21.54
CA SER A 311 -2.98 4.17 -21.88
C SER A 311 -2.40 3.59 -23.18
N GLU A 312 -1.93 4.44 -24.09
CA GLU A 312 -1.37 3.94 -25.35
C GLU A 312 0.15 3.95 -25.36
N LEU A 313 0.75 4.16 -24.20
CA LEU A 313 2.20 4.01 -24.09
C LEU A 313 2.54 2.53 -24.23
N VAL A 314 3.50 2.23 -25.10
CA VAL A 314 3.91 0.86 -25.35
C VAL A 314 5.24 0.53 -24.66
N ASP A 315 6.28 1.32 -24.90
CA ASP A 315 7.51 1.07 -24.19
C ASP A 315 8.34 2.34 -24.05
N ILE A 316 9.40 2.21 -23.27
CA ILE A 316 10.30 3.30 -22.95
C ILE A 316 11.70 2.88 -23.35
N ARG A 317 12.45 3.81 -23.94
CA ARG A 317 13.84 3.60 -24.29
C ARG A 317 14.69 4.76 -23.82
N PRO A 318 15.87 4.51 -23.25
CA PRO A 318 16.72 5.62 -22.81
C PRO A 318 17.37 6.35 -23.97
N VAL A 319 17.51 7.66 -23.84
CA VAL A 319 18.22 8.48 -24.82
C VAL A 319 19.59 8.89 -24.28
N GLY A 320 19.62 9.43 -23.06
CA GLY A 320 20.87 9.81 -22.43
C GLY A 320 20.89 11.26 -22.01
N PRO A 321 22.04 11.74 -21.53
CA PRO A 321 22.15 13.14 -21.11
C PRO A 321 21.99 14.09 -22.28
N ARG A 322 21.18 15.12 -22.10
CA ARG A 322 20.94 16.14 -23.13
C ARG A 322 20.79 17.49 -22.45
N PRO A 323 21.02 18.58 -23.19
CA PRO A 323 20.87 19.89 -22.57
C PRO A 323 19.43 20.18 -22.21
N SER A 324 19.20 20.76 -21.05
CA SER A 324 17.85 21.12 -20.67
C SER A 324 17.32 22.23 -21.57
N THR A 325 18.23 22.94 -22.25
CA THR A 325 17.87 23.97 -23.23
C THR A 325 17.18 23.42 -24.47
N SER A 326 17.33 22.13 -24.72
CA SER A 326 16.73 21.54 -25.91
C SER A 326 15.29 21.12 -25.62
N THR A 327 14.36 21.56 -26.45
CA THR A 327 12.96 21.20 -26.30
C THR A 327 12.79 19.68 -26.39
N LEU A 328 12.18 19.09 -25.37
CA LEU A 328 11.85 17.68 -25.37
C LEU A 328 10.76 17.44 -26.40
N VAL A 329 10.95 16.44 -27.24
CA VAL A 329 9.99 16.19 -28.30
C VAL A 329 8.63 15.82 -27.71
N TYR A 330 7.58 16.36 -28.31
CA TYR A 330 6.22 16.00 -27.97
C TYR A 330 5.47 15.83 -29.28
N ASN A 331 5.39 14.57 -29.74
CA ASN A 331 4.93 14.27 -31.09
C ASN A 331 3.96 13.09 -31.08
N LEU A 332 2.84 13.28 -30.39
CA LEU A 332 1.85 12.23 -30.23
C LEU A 332 0.75 12.33 -31.28
N SER B 1 13.05 -15.79 -20.56
CA SER B 1 13.67 -16.37 -19.38
C SER B 1 13.06 -15.83 -18.10
N PRO B 2 12.75 -16.72 -17.13
CA PRO B 2 12.31 -16.27 -15.80
C PRO B 2 13.36 -15.50 -15.03
N ALA B 3 14.61 -15.47 -15.50
CA ALA B 3 15.72 -15.01 -14.65
C ALA B 3 15.46 -13.66 -14.01
N ASP B 4 14.94 -12.71 -14.76
CA ASP B 4 14.76 -11.36 -14.23
C ASP B 4 13.53 -11.20 -13.35
N LEU B 5 12.76 -12.27 -13.12
CA LEU B 5 11.64 -12.20 -12.18
C LEU B 5 12.14 -11.97 -10.76
N LEU B 6 13.27 -12.60 -10.44
CA LEU B 6 13.82 -12.54 -9.09
C LEU B 6 15.20 -11.94 -9.19
N THR B 7 15.31 -10.67 -8.85
CA THR B 7 16.59 -9.99 -8.86
C THR B 7 16.86 -9.43 -7.46
N THR B 8 18.08 -8.99 -7.26
CA THR B 8 18.56 -8.56 -5.96
C THR B 8 17.60 -7.68 -5.13
N PRO B 9 17.04 -6.60 -5.69
CA PRO B 9 16.18 -5.75 -4.85
C PRO B 9 14.94 -6.46 -4.30
N VAL B 10 14.50 -7.51 -4.96
CA VAL B 10 13.26 -8.17 -4.60
C VAL B 10 13.32 -8.72 -3.17
N LEU B 11 14.49 -9.19 -2.74
CA LEU B 11 14.64 -9.81 -1.43
C LEU B 11 15.61 -9.09 -0.51
N THR B 12 16.12 -7.93 -0.93
CA THR B 12 17.09 -7.19 -0.12
C THR B 12 16.55 -5.86 0.38
N GLY B 13 15.23 -5.68 0.32
CA GLY B 13 14.61 -4.53 0.95
C GLY B 13 13.54 -3.82 0.13
N VAL B 14 13.51 -4.03 -1.16
CA VAL B 14 12.53 -3.34 -2.01
C VAL B 14 11.27 -4.19 -2.19
N GLY B 15 11.42 -5.47 -2.52
CA GLY B 15 10.28 -6.30 -2.77
C GLY B 15 9.41 -6.51 -1.55
N THR B 16 8.10 -6.51 -1.76
CA THR B 16 7.13 -6.79 -0.72
C THR B 16 6.45 -8.13 -1.00
N ASP B 17 5.80 -8.70 0.02
CA ASP B 17 5.11 -9.98 -0.16
C ASP B 17 3.73 -9.79 -0.76
N ASN B 18 3.24 -10.83 -1.44
CA ASN B 18 1.97 -10.74 -2.16
C ASN B 18 0.70 -10.93 -1.32
N ARG B 19 0.81 -11.00 0.00
CA ARG B 19 -0.39 -11.05 0.85
C ARG B 19 -0.57 -9.78 1.71
N TRP B 20 0.52 -9.32 2.33
CA TRP B 20 0.50 -8.21 3.28
C TRP B 20 1.14 -6.93 2.74
N ASN B 21 1.82 -7.01 1.61
CA ASN B 21 2.54 -5.88 1.05
C ASN B 21 3.58 -5.33 2.03
N GLY B 22 4.20 -6.23 2.80
CA GLY B 22 5.27 -5.86 3.70
C GLY B 22 6.64 -6.11 3.08
N GLU B 23 7.62 -5.31 3.46
CA GLU B 23 8.98 -5.51 2.98
C GLU B 23 9.49 -6.89 3.36
N ILE B 24 9.89 -7.70 2.37
CA ILE B 24 10.33 -9.06 2.67
C ILE B 24 11.66 -9.01 3.40
N VAL B 25 11.72 -9.64 4.56
CA VAL B 25 12.94 -9.68 5.37
C VAL B 25 13.32 -11.09 5.80
N GLY B 26 12.49 -12.08 5.50
CA GLY B 26 12.81 -13.46 5.83
C GLY B 26 12.15 -14.46 4.89
N LEU B 27 12.67 -15.69 4.90
CA LEU B 27 12.06 -16.82 4.21
C LEU B 27 11.53 -17.77 5.26
N GLN B 28 10.25 -18.11 5.14
CA GLN B 28 9.59 -19.00 6.10
C GLN B 28 9.33 -20.37 5.49
N PRO B 29 10.11 -21.38 5.86
CA PRO B 29 9.83 -22.71 5.30
C PRO B 29 8.54 -23.30 5.83
N VAL B 30 7.91 -24.13 5.02
CA VAL B 30 6.64 -24.75 5.36
C VAL B 30 6.74 -26.27 5.13
N PRO B 31 7.36 -26.98 6.08
CA PRO B 31 7.60 -28.42 5.89
C PRO B 31 6.31 -29.24 5.68
N GLY B 32 5.18 -28.77 6.21
CA GLY B 32 3.91 -29.46 6.03
C GLY B 32 3.19 -29.16 4.74
N GLY B 33 3.75 -28.26 3.94
CA GLY B 33 3.13 -27.86 2.69
C GLY B 33 2.03 -26.82 2.87
N PHE B 34 1.63 -26.22 1.75
CA PHE B 34 0.54 -25.26 1.76
C PHE B 34 0.03 -25.06 0.34
N SER B 35 -1.12 -24.37 0.22
CA SER B 35 -1.63 -23.91 -1.07
C SER B 35 -1.91 -22.42 -0.98
N THR B 36 -1.75 -21.73 -2.09
CA THR B 36 -2.17 -20.34 -2.20
C THR B 36 -2.53 -20.05 -3.63
N CYS B 37 -3.61 -19.28 -3.83
CA CYS B 37 -4.01 -18.85 -5.16
C CYS B 37 -4.19 -17.34 -5.30
N ASN B 38 -4.60 -16.66 -4.23
CA ASN B 38 -4.93 -15.24 -4.37
C ASN B 38 -3.68 -14.37 -4.52
N ARG B 39 -3.67 -13.55 -5.57
CA ARG B 39 -2.54 -12.73 -5.92
C ARG B 39 -1.28 -13.59 -6.11
N HIS B 40 -1.50 -14.80 -6.65
CA HIS B 40 -0.46 -15.77 -6.94
C HIS B 40 -0.62 -16.20 -8.40
N TRP B 41 0.47 -16.13 -9.17
CA TRP B 41 0.47 -16.53 -10.58
C TRP B 41 1.37 -17.73 -10.81
N ASN B 42 1.05 -18.50 -11.85
CA ASN B 42 1.91 -19.59 -12.27
C ASN B 42 2.72 -19.17 -13.50
N LEU B 43 3.48 -20.10 -14.06
CA LEU B 43 4.36 -19.79 -15.18
C LEU B 43 3.65 -19.92 -16.53
N ASN B 44 2.34 -20.16 -16.50
CA ASN B 44 1.50 -20.18 -17.71
C ASN B 44 0.52 -19.00 -17.74
N GLY B 45 0.93 -17.91 -17.11
CA GLY B 45 0.19 -16.65 -17.17
C GLY B 45 -1.12 -16.63 -16.43
N SER B 46 -1.36 -17.58 -15.51
CA SER B 46 -2.69 -17.71 -14.92
C SER B 46 -2.69 -17.69 -13.40
N THR B 47 -3.80 -17.21 -12.86
CA THR B 47 -4.08 -17.27 -11.44
C THR B 47 -5.38 -18.03 -11.21
N PHE B 48 -5.43 -18.75 -10.09
CA PHE B 48 -6.67 -19.35 -9.58
C PHE B 48 -7.37 -18.41 -8.61
N GLY B 49 -6.73 -17.28 -8.29
CA GLY B 49 -7.27 -16.34 -7.34
C GLY B 49 -8.14 -15.26 -7.96
N TRP B 50 -8.41 -14.21 -7.17
CA TRP B 50 -9.36 -13.19 -7.55
C TRP B 50 -8.76 -11.78 -7.46
N SER B 51 -7.43 -11.69 -7.33
CA SER B 51 -6.78 -10.41 -7.08
C SER B 51 -5.67 -10.10 -8.08
N SER B 52 -5.61 -8.83 -8.45
CA SER B 52 -4.55 -8.32 -9.31
C SER B 52 -3.28 -8.12 -8.47
N PRO B 53 -2.11 -8.08 -9.13
CA PRO B 53 -0.83 -7.97 -8.40
C PRO B 53 -0.52 -6.54 -7.98
N ARG B 54 -1.35 -6.06 -7.06
CA ARG B 54 -1.24 -4.70 -6.54
C ARG B 54 -2.02 -4.65 -5.24
N PHE B 55 -1.80 -3.58 -4.48
CA PHE B 55 -2.52 -3.30 -3.24
C PHE B 55 -3.14 -1.93 -3.32
N ALA B 56 -4.46 -1.92 -3.47
CA ALA B 56 -5.23 -0.70 -3.60
C ALA B 56 -6.38 -0.78 -2.58
N ALA B 57 -7.62 -1.00 -3.03
CA ALA B 57 -8.76 -1.10 -2.13
C ALA B 57 -9.67 -2.26 -2.49
N ILE B 58 -10.36 -2.75 -1.48
CA ILE B 58 -11.35 -3.81 -1.59
C ILE B 58 -12.72 -3.16 -1.64
N ASP B 59 -13.51 -3.43 -2.67
CA ASP B 59 -14.77 -2.74 -2.87
C ASP B 59 -15.78 -3.72 -3.45
N HIS B 60 -16.90 -3.89 -2.76
CA HIS B 60 -18.01 -4.67 -3.29
C HIS B 60 -19.30 -3.91 -3.03
N ASP B 61 -20.17 -3.82 -4.03
CA ASP B 61 -21.29 -2.89 -3.95
C ASP B 61 -22.62 -3.50 -3.49
N ARG B 62 -22.64 -4.77 -3.13
CA ARG B 62 -23.92 -5.44 -2.82
C ARG B 62 -23.82 -6.58 -1.80
N GLY B 63 -23.89 -6.22 -0.53
CA GLY B 63 -23.90 -7.19 0.55
C GLY B 63 -24.92 -6.79 1.60
N ASN B 64 -25.05 -7.62 2.62
CA ASN B 64 -25.98 -7.37 3.72
C ASN B 64 -25.20 -6.77 4.88
N ALA B 65 -25.65 -5.60 5.35
CA ALA B 65 -25.04 -4.95 6.51
C ALA B 65 -25.99 -5.02 7.69
N SER B 66 -25.46 -5.37 8.86
CA SER B 66 -26.32 -5.49 10.04
C SER B 66 -25.55 -5.32 11.34
N TYR B 67 -26.31 -5.11 12.41
CA TYR B 67 -25.76 -5.18 13.76
C TYR B 67 -26.84 -5.82 14.62
N PRO B 68 -26.47 -6.41 15.77
CA PRO B 68 -27.47 -7.06 16.62
C PRO B 68 -28.14 -6.14 17.64
N GLY B 69 -29.45 -6.32 17.82
CA GLY B 69 -30.15 -5.68 18.91
C GLY B 69 -30.80 -4.34 18.57
N SER B 70 -31.44 -3.73 19.56
CA SER B 70 -32.22 -2.52 19.35
C SER B 70 -31.45 -1.24 19.65
N SER B 71 -30.22 -1.38 20.15
CA SER B 71 -29.36 -0.24 20.47
C SER B 71 -28.22 -0.18 19.47
N SER B 72 -28.14 0.92 18.71
CA SER B 72 -27.20 0.98 17.59
C SER B 72 -25.83 1.54 17.96
N SER B 73 -25.65 2.04 19.17
CA SER B 73 -24.37 2.64 19.54
C SER B 73 -23.33 1.61 19.94
N ASN B 74 -22.12 1.76 19.40
CA ASN B 74 -20.98 0.94 19.85
C ASN B 74 -21.25 -0.55 19.68
N VAL B 75 -21.59 -0.93 18.44
CA VAL B 75 -21.95 -2.29 18.11
C VAL B 75 -20.96 -2.84 17.09
N LEU B 76 -20.91 -4.17 17.00
CA LEU B 76 -20.10 -4.83 15.99
C LEU B 76 -20.89 -4.92 14.69
N GLU B 77 -20.39 -4.24 13.66
CA GLU B 77 -21.06 -4.22 12.37
C GLU B 77 -20.63 -5.42 11.52
N LEU B 78 -21.60 -6.11 10.96
CA LEU B 78 -21.38 -7.29 10.11
C LEU B 78 -21.81 -7.01 8.68
N TRP B 79 -20.93 -7.34 7.73
CA TRP B 79 -21.23 -7.28 6.31
C TRP B 79 -20.95 -8.66 5.71
N TYR B 80 -21.85 -9.16 4.88
CA TYR B 80 -21.54 -10.41 4.18
C TYR B 80 -22.23 -10.50 2.83
N ALA B 81 -21.61 -11.30 1.97
CA ALA B 81 -22.15 -11.62 0.66
C ALA B 81 -21.68 -13.03 0.30
N SER B 82 -22.23 -13.58 -0.77
CA SER B 82 -21.82 -14.91 -1.23
CA SER B 82 -21.83 -14.90 -1.22
C SER B 82 -20.53 -14.83 -2.03
N ALA B 83 -19.64 -15.79 -1.83
CA ALA B 83 -18.52 -15.95 -2.76
C ALA B 83 -19.16 -16.25 -4.12
N GLY B 84 -18.57 -15.72 -5.18
CA GLY B 84 -19.10 -15.90 -6.53
C GLY B 84 -19.91 -14.71 -7.01
N SER B 85 -20.09 -13.73 -6.14
CA SER B 85 -20.95 -12.58 -6.42
C SER B 85 -20.22 -11.33 -6.90
N ALA B 86 -18.91 -11.42 -7.09
CA ALA B 86 -18.13 -10.24 -7.48
C ALA B 86 -18.16 -10.07 -9.00
N ALA B 87 -19.35 -9.75 -9.51
CA ALA B 87 -19.59 -9.72 -10.95
C ALA B 87 -18.66 -8.75 -11.67
N ASP B 88 -18.25 -7.69 -10.98
CA ASP B 88 -17.46 -6.63 -11.61
C ASP B 88 -15.96 -6.91 -11.61
N ASN B 89 -15.56 -8.08 -11.14
CA ASN B 89 -14.14 -8.47 -11.11
C ASN B 89 -13.79 -9.36 -12.30
N PRO B 90 -13.02 -8.85 -13.28
CA PRO B 90 -12.75 -9.65 -14.48
C PRO B 90 -11.78 -10.82 -14.25
N ILE B 91 -11.05 -10.80 -13.15
CA ILE B 91 -10.12 -11.89 -12.85
C ILE B 91 -10.91 -13.13 -12.43
N SER B 92 -11.86 -12.90 -11.53
CA SER B 92 -12.67 -13.97 -10.97
C SER B 92 -13.83 -13.35 -10.23
N GLN B 93 -15.00 -13.99 -10.27
CA GLN B 93 -16.14 -13.48 -9.53
C GLN B 93 -16.21 -14.06 -8.12
N ILE B 94 -15.18 -14.80 -7.71
CA ILE B 94 -15.19 -15.39 -6.38
C ILE B 94 -15.33 -14.33 -5.29
N ALA B 95 -14.53 -13.28 -5.39
CA ALA B 95 -14.50 -12.26 -4.35
C ALA B 95 -13.97 -10.97 -4.95
N PRO B 96 -14.22 -9.84 -4.28
CA PRO B 96 -13.65 -8.57 -4.75
C PRO B 96 -12.14 -8.61 -4.81
N ASP B 97 -11.59 -7.94 -5.81
CA ASP B 97 -10.14 -7.84 -5.98
C ASP B 97 -9.53 -7.32 -4.69
N GLY B 98 -8.60 -8.07 -4.11
CA GLY B 98 -7.94 -7.70 -2.88
C GLY B 98 -8.51 -8.31 -1.61
N PHE B 99 -9.67 -8.94 -1.70
CA PHE B 99 -10.26 -9.57 -0.51
C PHE B 99 -9.28 -10.64 -0.01
N PRO B 100 -8.99 -10.68 1.29
CA PRO B 100 -7.91 -11.59 1.75
C PRO B 100 -8.31 -13.06 1.69
N ASP B 101 -7.33 -13.90 1.37
CA ASP B 101 -7.53 -15.34 1.30
C ASP B 101 -7.38 -16.06 2.64
N MET B 102 -8.05 -15.54 3.67
CA MET B 102 -7.94 -16.12 5.00
C MET B 102 -9.34 -16.49 5.52
N SER B 103 -9.40 -17.61 6.21
CA SER B 103 -10.65 -18.07 6.78
C SER B 103 -11.03 -17.18 7.96
N PHE B 104 -12.32 -16.94 8.09
CA PHE B 104 -12.82 -16.03 9.11
C PHE B 104 -12.62 -16.61 10.51
N VAL B 105 -12.11 -15.79 11.43
CA VAL B 105 -12.00 -16.12 12.84
C VAL B 105 -13.17 -15.48 13.57
N PRO B 106 -14.12 -16.29 14.05
CA PRO B 106 -15.28 -15.72 14.78
C PRO B 106 -14.88 -15.03 16.07
N PHE B 107 -15.69 -14.07 16.50
CA PHE B 107 -15.44 -13.40 17.76
C PHE B 107 -16.72 -12.79 18.26
N SER B 108 -16.80 -12.67 19.58
CA SER B 108 -17.98 -12.21 20.27
C SER B 108 -17.58 -11.53 21.57
N GLY B 109 -18.57 -11.06 22.30
CA GLY B 109 -18.32 -10.46 23.59
C GLY B 109 -17.34 -9.31 23.49
N THR B 110 -16.31 -9.39 24.31
CA THR B 110 -15.29 -8.36 24.41
C THR B 110 -14.01 -8.84 23.74
N THR B 111 -14.11 -9.98 23.07
CA THR B 111 -12.99 -10.71 22.49
C THR B 111 -12.56 -10.15 21.14
N VAL B 112 -11.32 -9.68 21.03
CA VAL B 112 -10.72 -9.40 19.73
C VAL B 112 -10.18 -10.70 19.15
N PRO B 113 -10.50 -11.03 17.88
CA PRO B 113 -10.04 -12.31 17.33
C PRO B 113 -8.51 -12.40 17.22
N THR B 114 -7.98 -13.61 17.30
CA THR B 114 -6.57 -13.85 17.07
C THR B 114 -6.33 -14.26 15.61
N ALA B 115 -5.37 -13.59 14.98
CA ALA B 115 -4.88 -13.96 13.65
C ALA B 115 -5.87 -13.68 12.54
N GLY B 116 -6.74 -12.71 12.75
CA GLY B 116 -7.61 -12.24 11.67
C GLY B 116 -6.87 -11.28 10.76
N TRP B 117 -7.23 -11.29 9.48
CA TRP B 117 -6.84 -10.22 8.56
C TRP B 117 -7.74 -9.04 8.88
N VAL B 118 -7.13 -7.89 9.17
CA VAL B 118 -7.87 -6.68 9.50
C VAL B 118 -7.50 -5.55 8.55
N GLY B 119 -8.50 -4.82 8.09
CA GLY B 119 -8.30 -3.65 7.28
C GLY B 119 -9.22 -2.55 7.75
N PHE B 120 -8.92 -1.32 7.34
CA PHE B 120 -9.70 -0.16 7.72
C PHE B 120 -10.63 0.26 6.60
N GLY B 121 -11.85 0.61 6.99
CA GLY B 121 -12.82 1.11 6.02
C GLY B 121 -14.19 1.08 6.66
N GLY B 122 -15.21 0.75 5.89
CA GLY B 122 -16.55 0.70 6.42
C GLY B 122 -17.57 0.37 5.37
N ILE B 123 -18.83 0.60 5.73
CA ILE B 123 -19.96 0.33 4.88
C ILE B 123 -20.26 1.58 4.07
N TRP B 124 -20.76 1.41 2.84
CA TRP B 124 -21.18 2.55 2.05
C TRP B 124 -22.53 2.32 1.37
N ASN B 125 -23.12 3.44 0.95
CA ASN B 125 -24.50 3.47 0.49
C ASN B 125 -24.57 3.07 -0.99
N SER B 126 -25.15 1.92 -1.26
CA SER B 126 -25.17 1.35 -2.61
C SER B 126 -25.86 2.25 -3.61
N SER B 127 -26.72 3.14 -3.14
CA SER B 127 -27.47 3.99 -4.05
C SER B 127 -26.66 5.18 -4.57
N ASN B 128 -25.57 5.55 -3.89
CA ASN B 128 -24.84 6.73 -4.32
C ASN B 128 -23.34 6.75 -4.08
N GLY B 129 -22.78 5.72 -3.41
CA GLY B 129 -21.35 5.66 -3.23
C GLY B 129 -20.84 6.36 -1.98
N ALA B 130 -21.74 7.00 -1.24
CA ALA B 130 -21.32 7.74 -0.05
C ALA B 130 -21.10 6.79 1.12
N PRO B 131 -20.01 7.00 1.88
CA PRO B 131 -19.81 6.16 3.07
C PRO B 131 -20.88 6.36 4.14
N PHE B 132 -21.21 5.29 4.84
CA PHE B 132 -21.93 5.38 6.09
C PHE B 132 -20.88 5.73 7.15
N VAL B 133 -20.76 7.01 7.45
CA VAL B 133 -19.60 7.49 8.20
C VAL B 133 -19.54 6.97 9.62
N THR B 134 -20.68 6.53 10.16
CA THR B 134 -20.71 6.03 11.53
C THR B 134 -20.31 4.56 11.61
N THR B 135 -19.88 3.98 10.49
CA THR B 135 -19.47 2.57 10.46
C THR B 135 -17.98 2.39 10.19
N VAL B 136 -17.23 3.49 10.09
CA VAL B 136 -15.79 3.38 9.86
C VAL B 136 -15.14 2.68 11.06
N GLN B 137 -14.29 1.71 10.79
CA GLN B 137 -13.61 0.97 11.85
C GLN B 137 -12.56 0.07 11.22
N ALA B 138 -11.85 -0.65 12.09
CA ALA B 138 -11.07 -1.80 11.73
C ALA B 138 -12.01 -3.00 11.62
N TYR B 139 -11.96 -3.68 10.49
CA TYR B 139 -12.80 -4.85 10.20
C TYR B 139 -11.95 -6.08 9.95
N GLU B 140 -12.36 -7.22 10.53
CA GLU B 140 -11.79 -8.49 10.13
C GLU B 140 -12.50 -8.96 8.87
N LEU B 141 -11.74 -9.34 7.85
CA LEU B 141 -12.29 -9.91 6.64
C LEU B 141 -11.85 -11.37 6.52
N GLY B 142 -12.75 -12.23 6.05
CA GLY B 142 -12.39 -13.59 5.78
C GLY B 142 -13.52 -14.35 5.12
N PHE B 143 -13.22 -15.59 4.74
CA PHE B 143 -14.21 -16.49 4.16
C PHE B 143 -14.86 -17.34 5.24
N ALA B 144 -16.17 -17.50 5.13
CA ALA B 144 -16.93 -18.22 6.14
C ALA B 144 -18.09 -18.96 5.51
N THR B 145 -18.74 -19.78 6.33
CA THR B 145 -20.09 -20.22 6.03
C THR B 145 -20.93 -19.93 7.27
N GLY B 146 -22.23 -19.85 7.08
CA GLY B 146 -23.15 -19.75 8.21
C GLY B 146 -23.51 -18.33 8.65
N ALA B 147 -23.03 -17.31 7.93
CA ALA B 147 -23.45 -15.95 8.20
C ALA B 147 -24.91 -15.80 7.80
N PRO B 148 -25.67 -14.95 8.51
CA PRO B 148 -25.20 -14.03 9.54
C PRO B 148 -25.18 -14.60 10.96
N SER B 149 -25.91 -15.67 11.24
CA SER B 149 -26.10 -16.06 12.62
C SER B 149 -24.87 -16.70 13.26
N ASN B 150 -24.04 -17.37 12.46
CA ASN B 150 -22.92 -18.11 13.01
C ASN B 150 -21.81 -18.33 11.99
N PRO B 151 -21.18 -17.24 11.54
CA PRO B 151 -20.10 -17.42 10.57
C PRO B 151 -18.97 -18.27 11.15
N GLN B 152 -18.56 -19.28 10.39
CA GLN B 152 -17.51 -20.20 10.78
C GLN B 152 -16.50 -20.28 9.63
N PRO B 153 -15.21 -20.51 9.96
CA PRO B 153 -14.20 -20.52 8.90
C PRO B 153 -14.43 -21.57 7.82
N THR B 154 -14.07 -21.22 6.59
CA THR B 154 -13.93 -22.20 5.53
C THR B 154 -12.66 -21.87 4.76
N THR B 155 -12.04 -22.90 4.18
CA THR B 155 -10.83 -22.69 3.38
C THR B 155 -11.04 -23.06 1.92
N THR B 156 -12.28 -23.29 1.51
CA THR B 156 -12.60 -23.34 0.10
C THR B 156 -13.57 -22.23 -0.26
N THR B 157 -13.41 -21.68 -1.46
CA THR B 157 -14.28 -20.64 -1.96
C THR B 157 -15.62 -21.20 -2.39
N SER B 158 -15.66 -22.48 -2.70
CA SER B 158 -16.86 -23.14 -3.15
C SER B 158 -17.89 -23.19 -2.03
N GLY B 159 -19.06 -22.59 -2.27
CA GLY B 159 -20.13 -22.54 -1.27
C GLY B 159 -19.87 -21.57 -0.13
N ALA B 160 -18.85 -20.74 -0.26
CA ALA B 160 -18.46 -19.82 0.81
C ALA B 160 -19.18 -18.49 0.79
N GLN B 161 -19.03 -17.78 1.90
CA GLN B 161 -19.41 -16.37 2.02
C GLN B 161 -18.17 -15.54 2.26
N ILE B 162 -18.23 -14.28 1.84
CA ILE B 162 -17.21 -13.30 2.20
C ILE B 162 -17.81 -12.43 3.30
N VAL B 163 -17.03 -12.28 4.38
CA VAL B 163 -17.51 -11.62 5.59
C VAL B 163 -16.55 -10.54 6.02
N ALA B 164 -17.11 -9.43 6.50
CA ALA B 164 -16.36 -8.37 7.16
C ALA B 164 -17.08 -8.06 8.46
N LYS B 165 -16.35 -8.01 9.57
CA LYS B 165 -16.98 -7.70 10.86
C LYS B 165 -16.09 -6.76 11.63
N SER B 166 -16.63 -5.65 12.13
CA SER B 166 -15.76 -4.71 12.84
C SER B 166 -15.25 -5.38 14.12
N ILE B 167 -13.95 -5.23 14.39
CA ILE B 167 -13.38 -5.88 15.57
C ILE B 167 -13.57 -5.03 16.81
N TYR B 168 -13.93 -3.76 16.62
CA TYR B 168 -14.29 -2.85 17.69
C TYR B 168 -15.65 -2.25 17.35
N GLY B 169 -16.31 -1.68 18.35
CA GLY B 169 -17.62 -1.10 18.11
C GLY B 169 -17.59 0.09 17.18
N VAL B 170 -18.50 0.10 16.21
CA VAL B 170 -18.71 1.29 15.37
C VAL B 170 -19.54 2.31 16.12
N ALA B 171 -19.46 3.57 15.72
CA ALA B 171 -20.18 4.63 16.43
C ALA B 171 -21.69 4.38 16.40
N THR B 172 -22.21 4.10 15.22
CA THR B 172 -23.63 3.80 15.05
C THR B 172 -23.78 2.75 13.97
N GLY B 173 -24.35 1.61 14.35
CA GLY B 173 -24.56 0.51 13.43
C GLY B 173 -25.56 0.86 12.35
N ILE B 174 -25.47 0.11 11.25
CA ILE B 174 -26.34 0.27 10.09
C ILE B 174 -26.93 -1.09 9.71
N ASN B 175 -28.25 -1.14 9.57
CA ASN B 175 -28.94 -2.29 8.99
C ASN B 175 -29.38 -1.94 7.57
N GLN B 176 -28.80 -2.59 6.58
CA GLN B 176 -29.19 -2.38 5.18
C GLN B 176 -29.13 -3.71 4.44
N ALA B 177 -30.20 -4.05 3.75
CA ALA B 177 -30.26 -5.31 2.99
C ALA B 177 -29.28 -5.32 1.84
N THR B 178 -29.03 -4.13 1.29
CA THR B 178 -28.04 -3.95 0.23
C THR B 178 -27.15 -2.77 0.58
N ALA B 179 -25.87 -3.06 0.78
CA ALA B 179 -24.89 -2.04 1.14
C ALA B 179 -23.52 -2.46 0.67
N GLY B 180 -22.66 -1.49 0.41
CA GLY B 180 -21.31 -1.75 -0.05
C GLY B 180 -20.30 -1.87 1.07
N LEU B 181 -19.20 -2.53 0.75
CA LEU B 181 -18.04 -2.62 1.61
C LEU B 181 -16.88 -1.90 0.93
N PHE B 182 -16.13 -1.10 1.70
CA PHE B 182 -14.89 -0.49 1.23
C PHE B 182 -13.84 -0.67 2.32
N VAL B 183 -12.74 -1.34 1.99
CA VAL B 183 -11.65 -1.58 2.94
C VAL B 183 -10.31 -1.42 2.20
N MET B 184 -9.35 -0.73 2.80
CA MET B 184 -8.04 -0.62 2.17
C MET B 184 -7.33 -1.99 2.15
N ALA B 185 -6.60 -2.29 1.07
CA ALA B 185 -6.16 -3.66 0.82
C ALA B 185 -4.91 -4.12 1.55
N SER B 186 -4.19 -3.20 2.19
CA SER B 186 -3.00 -3.55 2.97
C SER B 186 -3.42 -3.73 4.43
N GLY B 187 -3.33 -4.97 4.91
CA GLY B 187 -3.90 -5.32 6.19
C GLY B 187 -2.94 -5.30 7.36
N VAL B 188 -3.53 -5.53 8.53
CA VAL B 188 -2.82 -5.76 9.77
C VAL B 188 -3.38 -7.04 10.37
N ILE B 189 -2.72 -7.56 11.39
CA ILE B 189 -3.10 -8.82 12.04
C ILE B 189 -3.80 -8.55 13.36
N SER B 190 -4.97 -9.15 13.59
CA SER B 190 -5.62 -8.94 14.88
C SER B 190 -4.98 -9.77 15.97
N THR B 191 -4.75 -9.13 17.11
CA THR B 191 -4.28 -9.82 18.31
C THR B 191 -5.00 -9.22 19.51
N PRO B 192 -5.22 -10.03 20.55
CA PRO B 192 -6.03 -9.62 21.69
C PRO B 192 -5.22 -8.94 22.80
N ASN B 193 -3.91 -8.98 22.70
CA ASN B 193 -3.03 -8.37 23.68
C ASN B 193 -1.76 -7.96 22.97
N SER B 194 -0.72 -7.57 23.71
CA SER B 194 0.47 -7.02 23.07
C SER B 194 1.38 -8.05 22.43
N SER B 195 1.17 -9.33 22.72
CA SER B 195 2.10 -10.36 22.24
C SER B 195 2.00 -10.63 20.75
N ALA B 196 3.15 -10.80 20.12
CA ALA B 196 3.18 -11.32 18.77
C ALA B 196 2.70 -12.76 18.76
N ILE B 197 2.16 -13.19 17.62
CA ILE B 197 1.69 -14.55 17.46
C ILE B 197 2.52 -15.20 16.34
N THR B 198 2.19 -16.45 15.99
CA THR B 198 2.93 -17.15 14.95
C THR B 198 2.76 -16.45 13.60
N TYR B 199 3.56 -16.82 12.62
CA TYR B 199 3.47 -16.16 11.33
C TYR B 199 2.07 -16.38 10.80
N THR B 200 1.54 -15.35 10.14
CA THR B 200 0.14 -15.32 9.77
C THR B 200 0.01 -15.03 8.27
N PRO B 201 -0.84 -15.77 7.55
CA PRO B 201 -1.66 -16.91 7.98
C PRO B 201 -0.91 -18.22 8.02
N GLN B 202 -1.23 -19.04 9.01
CA GLN B 202 -0.83 -20.43 9.01
C GLN B 202 -1.47 -21.17 7.83
N PRO B 203 -0.82 -22.24 7.35
CA PRO B 203 -1.34 -22.93 6.17
C PRO B 203 -2.82 -23.33 6.28
N ASN B 204 -3.27 -23.73 7.47
CA ASN B 204 -4.65 -24.23 7.60
C ASN B 204 -5.70 -23.11 7.65
N ARG B 205 -5.25 -21.86 7.46
CA ARG B 205 -6.14 -20.69 7.36
C ARG B 205 -6.31 -20.18 5.94
N ILE B 206 -5.52 -20.68 5.00
CA ILE B 206 -5.50 -20.09 3.66
C ILE B 206 -6.66 -20.65 2.84
N VAL B 207 -7.38 -19.73 2.20
CA VAL B 207 -8.55 -20.04 1.40
C VAL B 207 -8.14 -20.20 -0.05
N ASN B 208 -8.54 -21.31 -0.67
CA ASN B 208 -8.16 -21.58 -2.04
C ASN B 208 -9.36 -21.95 -2.90
N ALA B 209 -9.31 -21.50 -4.15
CA ALA B 209 -10.32 -21.83 -5.14
C ALA B 209 -10.18 -23.28 -5.60
N PRO B 210 -11.27 -23.88 -6.07
CA PRO B 210 -11.17 -25.20 -6.69
C PRO B 210 -10.08 -25.23 -7.76
N GLY B 211 -9.32 -26.32 -7.79
CA GLY B 211 -8.30 -26.49 -8.79
C GLY B 211 -6.91 -26.05 -8.35
N THR B 212 -6.82 -25.22 -7.32
CA THR B 212 -5.54 -24.69 -6.88
C THR B 212 -4.58 -25.84 -6.59
N PRO B 213 -3.41 -25.86 -7.24
CA PRO B 213 -2.46 -26.92 -6.92
C PRO B 213 -1.75 -26.66 -5.61
N ALA B 214 -1.39 -27.74 -4.91
CA ALA B 214 -0.72 -27.65 -3.63
C ALA B 214 0.79 -27.66 -3.80
N ALA B 215 1.47 -26.99 -2.88
CA ALA B 215 2.92 -27.08 -2.74
C ALA B 215 3.26 -28.09 -1.66
N ALA B 216 4.03 -29.10 -2.03
CA ALA B 216 4.46 -30.13 -1.10
C ALA B 216 5.96 -30.32 -1.23
N PRO B 217 6.62 -30.78 -0.16
CA PRO B 217 8.05 -31.06 -0.31
C PRO B 217 8.36 -32.05 -1.43
N ILE B 218 9.52 -31.86 -2.04
CA ILE B 218 10.07 -32.74 -3.06
C ILE B 218 11.46 -33.09 -2.57
N GLY B 219 11.64 -34.31 -2.05
CA GLY B 219 12.88 -34.65 -1.41
C GLY B 219 13.15 -33.67 -0.28
N LYS B 220 14.37 -33.15 -0.22
CA LYS B 220 14.75 -32.21 0.83
C LYS B 220 14.35 -30.78 0.51
N ASN B 221 13.73 -30.58 -0.64
CA ASN B 221 13.26 -29.25 -1.05
C ASN B 221 11.86 -29.01 -0.50
N THR B 222 11.72 -27.94 0.26
CA THR B 222 10.52 -27.63 1.01
C THR B 222 9.94 -26.30 0.55
N PRO B 223 8.61 -26.23 0.37
CA PRO B 223 8.04 -24.93 -0.04
C PRO B 223 8.23 -23.86 1.01
N ILE B 224 8.37 -22.62 0.56
CA ILE B 224 8.54 -21.49 1.45
C ILE B 224 7.51 -20.41 1.19
N MET B 225 7.30 -19.60 2.21
CA MET B 225 6.64 -18.30 2.09
C MET B 225 7.65 -17.19 2.35
N PHE B 226 7.25 -15.98 1.99
CA PHE B 226 8.07 -14.79 2.11
C PHE B 226 7.52 -13.94 3.24
N ALA B 227 8.36 -13.71 4.25
CA ALA B 227 7.94 -13.08 5.49
C ALA B 227 8.28 -11.60 5.54
N SER B 228 7.33 -10.82 6.07
CA SER B 228 7.50 -9.40 6.31
C SER B 228 6.99 -9.07 7.70
N VAL B 229 7.44 -7.95 8.25
CA VAL B 229 6.94 -7.49 9.54
C VAL B 229 5.62 -6.78 9.31
N VAL B 230 4.60 -7.22 10.05
CA VAL B 230 3.23 -6.75 9.85
C VAL B 230 2.72 -6.18 11.17
N ARG B 231 1.95 -5.08 11.09
CA ARG B 231 1.36 -4.48 12.27
C ARG B 231 0.35 -5.41 12.89
N ARG B 232 0.15 -5.28 14.21
CA ARG B 232 -0.84 -6.07 14.91
C ARG B 232 -1.68 -5.17 15.81
N THR B 233 -2.96 -5.50 15.95
CA THR B 233 -3.89 -4.57 16.60
C THR B 233 -3.66 -4.43 18.10
N GLY B 234 -3.15 -5.47 18.76
CA GLY B 234 -2.98 -5.42 20.21
C GLY B 234 -1.84 -4.52 20.67
N ASP B 235 -0.89 -4.26 19.78
CA ASP B 235 0.19 -3.31 20.02
C ASP B 235 0.52 -2.73 18.66
N ILE B 236 -0.23 -1.70 18.29
CA ILE B 236 -0.19 -1.19 16.93
C ILE B 236 1.11 -0.43 16.67
N ASN B 237 1.79 -0.04 17.74
CA ASN B 237 3.08 0.63 17.62
C ASN B 237 4.24 -0.33 17.37
N ALA B 238 4.06 -1.61 17.67
CA ALA B 238 5.16 -2.57 17.54
C ALA B 238 5.67 -2.66 16.11
N GLU B 239 6.99 -2.65 15.99
CA GLU B 239 7.68 -2.80 14.72
C GLU B 239 8.72 -3.90 14.88
N ALA B 240 9.63 -4.06 13.93
CA ALA B 240 10.68 -5.06 14.07
C ALA B 240 11.49 -4.84 15.35
N GLY B 241 11.70 -5.92 16.10
CA GLY B 241 12.51 -5.87 17.31
C GLY B 241 11.79 -5.43 18.58
N SER B 242 10.48 -5.23 18.51
CA SER B 242 9.69 -4.90 19.70
C SER B 242 9.94 -5.89 20.84
N THR B 243 10.02 -5.39 22.07
CA THR B 243 10.20 -6.27 23.21
C THR B 243 8.95 -7.08 23.50
N ASN B 244 7.84 -6.74 22.85
CA ASN B 244 6.61 -7.54 22.94
C ASN B 244 6.56 -8.62 21.88
N GLY B 245 7.63 -8.73 21.09
CA GLY B 245 7.73 -9.73 20.03
C GLY B 245 7.59 -9.09 18.66
N THR B 246 8.26 -9.68 17.67
CA THR B 246 8.15 -9.24 16.28
C THR B 246 7.11 -10.09 15.58
N GLN B 247 6.17 -9.42 14.92
CA GLN B 247 5.10 -10.10 14.20
C GLN B 247 5.39 -10.23 12.73
N TYR B 248 5.33 -11.47 12.23
CA TYR B 248 5.48 -11.72 10.81
C TYR B 248 4.16 -12.08 10.14
N GLY B 249 3.99 -11.52 8.96
CA GLY B 249 3.03 -12.03 8.00
C GLY B 249 3.80 -12.70 6.89
N ALA B 250 3.15 -13.56 6.13
CA ALA B 250 3.83 -14.21 5.03
C ALA B 250 2.93 -14.31 3.81
N GLY B 251 3.57 -14.36 2.64
CA GLY B 251 2.91 -14.53 1.35
C GLY B 251 3.61 -15.59 0.51
N SER B 252 2.89 -16.16 -0.45
CA SER B 252 3.45 -17.21 -1.29
C SER B 252 4.50 -16.74 -2.28
N GLN B 253 4.49 -15.46 -2.65
CA GLN B 253 5.40 -14.92 -3.65
C GLN B 253 5.83 -13.53 -3.30
N PRO B 254 7.04 -13.14 -3.72
CA PRO B 254 7.35 -11.70 -3.75
C PRO B 254 6.46 -11.05 -4.79
N LEU B 255 5.83 -9.95 -4.43
CA LEU B 255 4.95 -9.26 -5.37
C LEU B 255 5.63 -8.93 -6.72
N PRO B 256 6.93 -8.57 -6.74
CA PRO B 256 7.53 -8.32 -8.05
C PRO B 256 7.52 -9.56 -8.97
N VAL B 257 7.65 -10.74 -8.38
CA VAL B 257 7.57 -11.98 -9.16
C VAL B 257 6.15 -12.17 -9.68
N THR B 258 5.16 -11.99 -8.82
CA THR B 258 3.77 -12.10 -9.23
C THR B 258 3.47 -11.17 -10.40
N VAL B 259 3.93 -9.93 -10.28
CA VAL B 259 3.72 -8.96 -11.34
C VAL B 259 4.30 -9.49 -12.66
N GLY B 260 5.55 -9.93 -12.63
CA GLY B 260 6.18 -10.41 -13.85
C GLY B 260 5.46 -11.60 -14.45
N LEU B 261 5.04 -12.53 -13.60
CA LEU B 261 4.33 -13.72 -14.06
C LEU B 261 2.97 -13.35 -14.67
N SER B 262 2.39 -12.24 -14.22
CA SER B 262 1.09 -11.81 -14.71
C SER B 262 1.19 -11.06 -16.04
N LEU B 263 2.40 -10.65 -16.42
CA LEU B 263 2.60 -9.86 -17.63
C LEU B 263 3.10 -10.64 -18.84
N ASN B 264 3.73 -11.78 -18.61
CA ASN B 264 4.19 -12.61 -19.71
C ASN B 264 3.99 -14.07 -19.40
N ASN B 265 3.95 -14.89 -20.43
CA ASN B 265 3.79 -16.33 -20.28
C ASN B 265 5.14 -17.03 -20.31
N TYR B 266 5.43 -17.83 -19.28
CA TYR B 266 6.72 -18.47 -19.13
C TYR B 266 6.63 -19.98 -19.31
N SER B 267 5.65 -20.44 -20.07
CA SER B 267 5.33 -21.87 -20.05
C SER B 267 6.36 -22.70 -20.79
N SER B 268 7.21 -22.07 -21.59
CA SER B 268 8.27 -22.80 -22.27
C SER B 268 9.56 -22.84 -21.45
N ALA B 269 9.56 -22.17 -20.30
CA ALA B 269 10.78 -22.04 -19.49
C ALA B 269 11.24 -23.33 -18.83
N LEU B 270 10.28 -24.10 -18.32
CA LEU B 270 10.57 -25.31 -17.55
C LEU B 270 9.92 -26.54 -18.16
N MET B 271 10.66 -27.64 -18.13
CA MET B 271 10.12 -28.95 -18.52
C MET B 271 9.53 -29.58 -17.27
N PRO B 272 8.68 -30.59 -17.45
CA PRO B 272 8.09 -31.25 -16.28
C PRO B 272 9.13 -31.69 -15.26
N GLY B 273 8.89 -31.34 -14.01
CA GLY B 273 9.75 -31.75 -12.92
C GLY B 273 10.94 -30.83 -12.71
N GLN B 274 10.98 -29.68 -13.38
CA GLN B 274 12.05 -28.72 -13.15
C GLN B 274 11.66 -27.55 -12.27
N PHE B 275 12.64 -27.01 -11.56
CA PHE B 275 12.57 -25.70 -10.92
C PHE B 275 13.36 -24.72 -11.78
N PHE B 276 12.97 -23.44 -11.77
CA PHE B 276 13.92 -22.42 -12.18
C PHE B 276 14.66 -22.01 -10.91
N VAL B 277 15.99 -22.10 -10.95
CA VAL B 277 16.81 -21.89 -9.75
C VAL B 277 17.56 -20.56 -9.79
N TRP B 278 17.57 -19.88 -8.64
CA TRP B 278 18.42 -18.71 -8.39
C TRP B 278 19.30 -19.00 -7.20
N GLN B 279 20.46 -18.36 -7.22
CA GLN B 279 21.39 -18.42 -6.12
C GLN B 279 21.32 -17.12 -5.31
N LEU B 280 21.15 -17.26 -4.00
CA LEU B 280 21.11 -16.15 -3.06
C LEU B 280 22.46 -16.11 -2.36
N ASN B 281 23.19 -15.02 -2.63
CA ASN B 281 24.56 -14.85 -2.15
C ASN B 281 24.59 -13.94 -0.94
N PHE B 282 24.96 -14.52 0.20
CA PHE B 282 25.01 -13.78 1.45
C PHE B 282 26.42 -13.24 1.66
N ALA B 283 26.60 -12.44 2.71
CA ALA B 283 27.91 -11.88 3.01
C ALA B 283 28.92 -13.01 3.14
N SER B 284 28.48 -14.12 3.70
CA SER B 284 29.25 -15.35 3.69
C SER B 284 28.27 -16.47 3.44
N GLY B 285 28.60 -17.37 2.52
CA GLY B 285 27.72 -18.49 2.24
C GLY B 285 26.59 -18.16 1.28
N PHE B 286 25.87 -19.20 0.87
CA PHE B 286 24.84 -19.06 -0.14
C PHE B 286 23.81 -20.15 -0.02
N MET B 287 22.68 -19.92 -0.66
CA MET B 287 21.64 -20.91 -0.78
C MET B 287 20.95 -20.75 -2.12
N GLU B 288 20.20 -21.78 -2.51
CA GLU B 288 19.42 -21.72 -3.73
C GLU B 288 17.92 -21.71 -3.43
N LEU B 289 17.18 -20.97 -4.25
CA LEU B 289 15.73 -21.05 -4.31
C LEU B 289 15.29 -21.61 -5.65
N GLY B 290 14.27 -22.45 -5.63
CA GLY B 290 13.70 -22.99 -6.84
C GLY B 290 12.24 -22.58 -7.00
N LEU B 291 11.87 -22.24 -8.22
CA LEU B 291 10.50 -21.87 -8.56
C LEU B 291 9.88 -22.96 -9.42
N SER B 292 8.74 -23.48 -9.00
CA SER B 292 8.04 -24.51 -9.77
C SER B 292 7.10 -23.93 -10.83
N VAL B 293 6.64 -24.79 -11.73
CA VAL B 293 5.74 -24.30 -12.78
CA VAL B 293 5.72 -24.36 -12.78
C VAL B 293 4.44 -23.75 -12.20
N ASP B 294 4.06 -24.19 -11.00
CA ASP B 294 2.86 -23.69 -10.35
C ASP B 294 3.09 -22.38 -9.57
N GLY B 295 4.31 -21.86 -9.61
CA GLY B 295 4.60 -20.56 -9.03
C GLY B 295 5.05 -20.59 -7.57
N TYR B 296 5.30 -21.78 -7.03
CA TYR B 296 5.75 -21.89 -5.65
C TYR B 296 7.27 -21.91 -5.57
N PHE B 297 7.80 -21.29 -4.52
CA PHE B 297 9.22 -21.30 -4.24
C PHE B 297 9.57 -22.36 -3.20
N TYR B 298 10.79 -22.90 -3.35
CA TYR B 298 11.33 -23.98 -2.53
C TYR B 298 12.74 -23.64 -2.06
N ALA B 299 13.12 -24.16 -0.90
CA ALA B 299 14.49 -24.12 -0.40
C ALA B 299 14.89 -25.52 0.05
N GLY B 300 16.19 -25.79 0.12
CA GLY B 300 16.68 -27.12 0.47
C GLY B 300 16.80 -27.35 1.96
N THR B 301 15.76 -26.97 2.70
CA THR B 301 15.84 -26.91 4.15
C THR B 301 15.17 -28.10 4.87
N GLY B 302 14.60 -29.03 4.12
CA GLY B 302 14.08 -30.25 4.74
C GLY B 302 12.98 -29.97 5.75
N ALA B 303 13.12 -30.53 6.95
CA ALA B 303 12.09 -30.40 7.99
C ALA B 303 12.18 -29.10 8.80
N SER B 304 13.18 -28.26 8.55
CA SER B 304 13.36 -27.06 9.37
C SER B 304 12.20 -26.08 9.23
N ALA B 305 11.67 -25.61 10.35
CA ALA B 305 10.61 -24.61 10.36
C ALA B 305 11.13 -23.19 10.63
N THR B 306 12.43 -23.07 10.84
CA THR B 306 12.99 -21.82 11.32
C THR B 306 13.02 -20.73 10.24
N LEU B 307 12.57 -19.54 10.60
CA LEU B 307 12.66 -18.39 9.72
C LEU B 307 14.12 -18.13 9.33
N ILE B 308 14.35 -17.91 8.03
CA ILE B 308 15.66 -17.59 7.50
C ILE B 308 15.76 -16.08 7.31
N ASP B 309 16.71 -15.47 8.01
CA ASP B 309 16.92 -14.03 7.99
C ASP B 309 17.58 -13.60 6.68
N LEU B 310 17.04 -12.58 6.02
CA LEU B 310 17.62 -12.08 4.77
C LEU B 310 18.45 -10.81 4.96
N SER B 311 18.70 -10.41 6.20
CA SER B 311 19.41 -9.16 6.41
CA SER B 311 19.47 -9.19 6.50
C SER B 311 20.84 -9.18 5.82
N GLU B 312 21.45 -10.36 5.73
CA GLU B 312 22.81 -10.44 5.17
C GLU B 312 22.83 -10.94 3.73
N LEU B 313 21.67 -10.98 3.08
CA LEU B 313 21.64 -11.26 1.67
C LEU B 313 22.23 -10.08 0.93
N VAL B 314 23.17 -10.35 0.03
CA VAL B 314 23.84 -9.31 -0.74
C VAL B 314 23.32 -9.22 -2.17
N ASP B 315 23.31 -10.33 -2.91
CA ASP B 315 22.73 -10.28 -4.23
C ASP B 315 22.21 -11.64 -4.66
N ILE B 316 21.53 -11.63 -5.80
CA ILE B 316 20.90 -12.80 -6.38
C ILE B 316 21.43 -12.97 -7.78
N ARG B 317 21.73 -14.21 -8.15
CA ARG B 317 22.13 -14.55 -9.50
C ARG B 317 21.34 -15.74 -10.02
N PRO B 318 20.90 -15.70 -11.28
CA PRO B 318 20.15 -16.84 -11.81
C PRO B 318 21.04 -18.05 -12.10
N VAL B 319 20.52 -19.24 -11.87
CA VAL B 319 21.20 -20.49 -12.19
C VAL B 319 20.59 -21.13 -13.44
N GLY B 320 19.27 -21.25 -13.45
CA GLY B 320 18.56 -21.81 -14.58
C GLY B 320 17.72 -23.01 -14.22
N PRO B 321 17.12 -23.66 -15.24
CA PRO B 321 16.31 -24.85 -14.98
C PRO B 321 17.12 -26.00 -14.42
N ARG B 322 16.61 -26.63 -13.37
CA ARG B 322 17.28 -27.77 -12.74
C ARG B 322 16.21 -28.74 -12.28
N PRO B 323 16.57 -30.02 -12.10
CA PRO B 323 15.56 -30.99 -11.64
C PRO B 323 15.11 -30.68 -10.23
N SER B 324 13.82 -30.81 -9.97
CA SER B 324 13.32 -30.61 -8.62
C SER B 324 13.84 -31.72 -7.70
N THR B 325 14.28 -32.84 -8.28
CA THR B 325 14.89 -33.95 -7.55
C THR B 325 16.23 -33.59 -6.91
N SER B 326 16.87 -32.54 -7.40
CA SER B 326 18.18 -32.16 -6.86
C SER B 326 18.01 -31.25 -5.65
N THR B 327 18.64 -31.61 -4.54
CA THR B 327 18.59 -30.80 -3.33
C THR B 327 19.13 -29.40 -3.59
N LEU B 328 18.33 -28.39 -3.31
CA LEU B 328 18.77 -27.00 -3.40
C LEU B 328 19.81 -26.74 -2.33
N VAL B 329 20.93 -26.13 -2.70
CA VAL B 329 21.99 -25.91 -1.74
C VAL B 329 21.52 -24.99 -0.62
N TYR B 330 21.91 -25.33 0.61
CA TYR B 330 21.67 -24.48 1.76
C TYR B 330 22.96 -24.48 2.56
N ASN B 331 23.79 -23.45 2.33
CA ASN B 331 25.16 -23.44 2.81
C ASN B 331 25.49 -22.05 3.40
N LEU B 332 24.76 -21.68 4.44
CA LEU B 332 24.92 -20.36 5.05
C LEU B 332 25.87 -20.41 6.23
C1 NDG C . -26.78 8.02 -8.69
C2 NDG C . -27.49 6.66 -8.96
C3 NDG C . -26.46 5.55 -9.12
C4 NDG C . -25.45 5.91 -10.21
C5 NDG C . -24.81 7.27 -9.87
C6 NDG C . -23.88 7.78 -10.97
C7 NDG C . -29.79 6.39 -8.06
C8 NDG C . -30.60 5.88 -6.86
O5 NDG C . -25.83 8.28 -9.71
O3 NDG C . -27.15 4.34 -9.43
O4 NDG C . -24.51 4.85 -10.24
O6 NDG C . -24.45 7.57 -12.28
O7 NDG C . -30.32 6.88 -9.05
N2 NDG C . -28.45 6.25 -7.94
O1 NDG C . -26.19 7.97 -7.41
C1 GAL C . -24.27 4.35 -11.54
C2 GAL C . -22.99 3.50 -11.31
C3 GAL C . -22.57 2.77 -12.58
C4 GAL C . -23.76 2.03 -13.22
C5 GAL C . -24.92 2.99 -13.38
C6 GAL C . -26.21 2.34 -13.93
O2 GAL C . -21.89 4.33 -10.93
O3 GAL C . -21.57 1.78 -12.30
O4 GAL C . -24.14 0.92 -12.41
O5 GAL C . -25.29 3.57 -12.12
O6 GAL C . -27.30 3.24 -13.88
C1 FUC C . -21.11 3.72 -9.92
C2 FUC C . -19.88 4.63 -9.77
C3 FUC C . -20.25 5.97 -9.14
C4 FUC C . -21.03 5.75 -7.82
C5 FUC C . -22.23 4.81 -8.07
C6 FUC C . -22.95 4.42 -6.80
O2 FUC C . -19.19 4.83 -11.00
O3 FUC C . -19.07 6.73 -8.86
O4 FUC C . -20.19 5.18 -6.84
O5 FUC C . -21.79 3.58 -8.70
C1 NDG D . 5.37 -1.60 28.70
C2 NDG D . 5.93 -0.23 29.13
C3 NDG D . 6.39 0.55 27.90
C4 NDG D . 7.39 -0.29 27.11
C5 NDG D . 6.76 -1.64 26.76
C6 NDG D . 7.75 -2.59 26.07
C7 NDG D . 4.89 0.57 31.24
C8 NDG D . 3.84 1.49 31.83
O5 NDG D . 6.36 -2.32 27.96
O3 NDG D . 6.97 1.78 28.33
O4 NDG D . 7.73 0.47 25.95
O6 NDG D . 9.03 -2.59 26.71
O7 NDG D . 5.64 -0.12 31.93
N2 NDG D . 4.98 0.58 29.87
O1 NDG D . 4.20 -1.41 27.95
C1 GAL D . 9.09 0.36 25.57
C2 GAL D . 9.22 0.76 24.09
C3 GAL D . 10.68 0.87 23.64
C4 GAL D . 11.50 1.71 24.65
C5 GAL D . 11.29 1.16 26.04
C6 GAL D . 12.01 1.96 27.14
O2 GAL D . 8.61 -0.22 23.25
O3 GAL D . 10.78 1.54 22.39
O4 GAL D . 11.10 3.07 24.60
O5 GAL D . 9.90 1.19 26.40
O6 GAL D . 11.65 1.51 28.44
C1 FUC D . 7.89 0.36 22.18
C2 FUC D . 7.48 -0.81 21.24
C3 FUC D . 6.45 -1.73 21.92
C4 FUC D . 5.25 -0.90 22.44
C5 FUC D . 5.77 0.25 23.33
C6 FUC D . 4.67 1.21 23.77
O2 FUC D . 8.60 -1.56 20.79
O3 FUC D . 5.99 -2.70 20.98
O4 FUC D . 4.54 -0.35 21.35
O5 FUC D . 6.76 1.06 22.64
NA NA E . 5.73 1.48 8.93
NA NA F . -7.26 19.15 -12.69
NA NA G . 7.93 -0.86 -12.24
NA NA H . -9.94 22.86 11.83
NA NA I . 12.21 22.31 9.15
NA NA J . 22.50 16.84 -2.65
NA NA K . -14.75 5.59 16.04
NA NA L . 5.97 -18.71 13.77
NA NA M . 11.98 -5.18 -6.49
NA NA N . -15.49 -21.25 -6.21
NA NA O . -18.53 -14.11 14.71
NA NA P . -13.47 -6.12 -7.44
NA NA Q . -8.91 -0.48 -6.06
NA NA R . -17.26 4.20 13.78
#